data_4L0Q
#
_entry.id   4L0Q
#
_cell.length_a   92.731
_cell.length_b   92.731
_cell.length_c   173.558
_cell.angle_alpha   90.00
_cell.angle_beta   90.00
_cell.angle_gamma   120.00
#
_symmetry.space_group_name_H-M   'P 31 2 1'
#
loop_
_entity.id
_entity.type
_entity.pdbx_description
1 polymer 'Alcohol dehydrogenase class-3'
2 non-polymer 'ZINC ION'
3 non-polymer NICOTINAMIDE-ADENINE-DINUCLEOTIDE
4 non-polymer 'PHOSPHATE ION'
5 non-polymer 'SULFATE ION'
6 water water
#
_entity_poly.entity_id   1
_entity_poly.type   'polypeptide(L)'
_entity_poly.pdbx_seq_one_letter_code
;ATQGQVITCKAAVAYEPNKPLVIEDVQVAPPQAGEVRIKILYTALCHTDAYTWSGKDPEGLFPCILGHEAAGIVESVGEG
VTEVQAGDHVIPCYQAECRECKFCKSGKTNLCGKVRSATGVGIMMNDRKSRFSVNGKPIYHFMGTSTFSQYTVVHDVSVA
KIDPTAPLDKVCLLGCGVPTGLGAVWNTAKVEPGSNVAIFGLGTVGLAVAEGAKTAGASRIIGIDIDSKKYETAKKFGVN
EFVNPKDHDKPIQEVIVDLTDGGVDYSFECIGNVSVMRAALECCHKGWGTSVIVGVAASGQEISTRPFQLVTGRVWKGTA
FGGFKSRTQVPWLVEKYMNKEIKVDEYITHNLTLGEINKAFDLLHEGTALRAVLDTSK
;
_entity_poly.pdbx_strand_id   A,B
#
loop_
_chem_comp.id
_chem_comp.type
_chem_comp.name
_chem_comp.formula
NAD non-polymer NICOTINAMIDE-ADENINE-DINUCLEOTIDE 'C21 H27 N7 O14 P2'
PO4 non-polymer 'PHOSPHATE ION' 'O4 P -3'
SO4 non-polymer 'SULFATE ION' 'O4 S -2'
ZN non-polymer 'ZINC ION' 'Zn 2'
#
# COMPACT_ATOMS: atom_id res chain seq x y z
N ALA A 1 -16.21 1.10 52.11
CA ALA A 1 -15.80 2.04 51.03
C ALA A 1 -14.36 1.71 50.68
N THR A 2 -14.12 1.46 49.39
CA THR A 2 -12.94 0.73 48.97
C THR A 2 -11.76 1.65 48.63
N GLN A 3 -12.06 2.89 48.26
CA GLN A 3 -11.01 3.87 47.99
C GLN A 3 -9.70 3.60 48.78
N GLY A 4 -8.59 3.43 48.09
CA GLY A 4 -7.29 3.27 48.72
C GLY A 4 -7.03 1.91 49.36
N GLN A 5 -8.00 0.99 49.23
CA GLN A 5 -7.93 -0.36 49.81
C GLN A 5 -7.74 -1.45 48.75
N VAL A 6 -6.99 -2.47 49.11
CA VAL A 6 -6.91 -3.67 48.31
C VAL A 6 -8.33 -4.26 48.22
N ILE A 7 -8.67 -4.89 47.10
CA ILE A 7 -10.03 -5.39 46.88
C ILE A 7 -9.92 -6.83 46.49
N THR A 8 -10.80 -7.64 47.03
CA THR A 8 -10.77 -9.04 46.76
C THR A 8 -12.00 -9.40 46.00
N CYS A 9 -11.83 -9.82 44.76
CA CYS A 9 -12.95 -10.05 43.88
C CYS A 9 -12.57 -11.28 43.11
N LYS A 10 -13.49 -11.75 42.28
CA LYS A 10 -13.28 -12.88 41.41
C LYS A 10 -12.74 -12.38 40.09
N ALA A 11 -11.96 -13.25 39.46
CA ALA A 11 -11.36 -13.02 38.14
C ALA A 11 -11.09 -14.37 37.56
N ALA A 12 -11.10 -14.46 36.24
CA ALA A 12 -10.72 -15.65 35.55
C ALA A 12 -9.23 -15.52 35.22
N VAL A 13 -8.46 -16.43 35.79
CA VAL A 13 -7.00 -16.50 35.67
C VAL A 13 -6.61 -17.61 34.74
N ALA A 14 -5.59 -17.37 33.92
CA ALA A 14 -5.09 -18.35 32.98
C ALA A 14 -3.67 -18.66 33.47
N TYR A 15 -3.43 -19.90 33.99
CA TYR A 15 -2.11 -20.31 34.58
C TYR A 15 -1.22 -20.94 33.57
N GLU A 16 -1.84 -21.64 32.63
CA GLU A 16 -1.13 -22.39 31.62
C GLU A 16 -1.83 -22.28 30.27
N PRO A 17 -1.04 -22.24 29.21
CA PRO A 17 -1.57 -22.28 27.85
C PRO A 17 -2.52 -23.42 27.58
N ASN A 18 -3.66 -23.07 27.04
CA ASN A 18 -4.56 -24.03 26.42
C ASN A 18 -5.35 -24.87 27.42
N LYS A 19 -5.31 -24.44 28.68
CA LYS A 19 -5.95 -25.11 29.80
C LYS A 19 -7.13 -24.23 30.28
N PRO A 20 -8.11 -24.85 30.98
CA PRO A 20 -9.24 -24.03 31.40
C PRO A 20 -8.86 -22.90 32.31
N LEU A 21 -9.54 -21.78 32.16
CA LEU A 21 -9.37 -20.70 33.10
C LEU A 21 -10.03 -21.12 34.39
N VAL A 22 -9.45 -20.70 35.49
CA VAL A 22 -10.03 -20.98 36.77
C VAL A 22 -10.40 -19.67 37.39
N ILE A 23 -11.55 -19.66 38.05
CA ILE A 23 -12.09 -18.46 38.63
C ILE A 23 -11.62 -18.44 40.07
N GLU A 24 -10.71 -17.55 40.37
CA GLU A 24 -10.14 -17.42 41.69
C GLU A 24 -10.69 -16.18 42.29
N ASP A 25 -10.58 -16.08 43.60
CA ASP A 25 -10.48 -14.79 44.28
C ASP A 25 -9.10 -14.21 44.00
N VAL A 26 -9.05 -12.91 43.70
CA VAL A 26 -7.77 -12.22 43.57
C VAL A 26 -7.76 -10.90 44.35
N GLN A 27 -6.54 -10.41 44.63
CA GLN A 27 -6.29 -9.11 45.23
C GLN A 27 -5.99 -8.04 44.14
N VAL A 28 -6.86 -7.04 44.05
CA VAL A 28 -6.69 -5.93 43.13
C VAL A 28 -6.24 -4.72 43.96
N ALA A 29 -4.99 -4.39 43.76
CA ALA A 29 -4.36 -3.29 44.48
C ALA A 29 -5.09 -2.00 44.08
N PRO A 30 -4.93 -0.94 44.86
CA PRO A 30 -5.48 0.35 44.51
C PRO A 30 -4.62 1.10 43.48
N PRO A 31 -5.22 2.07 42.80
CA PRO A 31 -4.53 2.78 41.70
C PRO A 31 -3.40 3.68 42.17
N GLN A 32 -2.26 3.63 41.48
CA GLN A 32 -1.19 4.59 41.75
C GLN A 32 -1.39 5.80 40.84
N ALA A 33 -0.39 6.66 40.77
CA ALA A 33 -0.47 7.89 39.95
C ALA A 33 -0.80 7.56 38.50
N GLY A 34 -1.72 8.30 37.91
CA GLY A 34 -2.13 8.06 36.52
C GLY A 34 -3.07 6.87 36.27
N GLU A 35 -3.45 6.12 37.32
CA GLU A 35 -4.16 4.88 37.17
C GLU A 35 -5.63 5.03 37.61
N VAL A 36 -6.43 4.08 37.17
CA VAL A 36 -7.87 4.12 37.27
C VAL A 36 -8.35 2.72 37.58
N ARG A 37 -8.99 2.57 38.75
CA ARG A 37 -9.57 1.29 39.15
C ARG A 37 -11.05 1.21 38.77
N ILE A 38 -11.39 0.16 38.01
CA ILE A 38 -12.72 0.03 37.41
C ILE A 38 -13.45 -1.21 37.89
N LYS A 39 -14.70 -1.00 38.30
CA LYS A 39 -15.64 -2.10 38.46
C LYS A 39 -16.17 -2.51 37.14
N ILE A 40 -15.76 -3.71 36.71
CA ILE A 40 -16.15 -4.18 35.40
C ILE A 40 -17.45 -4.92 35.62
N LEU A 41 -18.49 -4.48 34.93
CA LEU A 41 -19.78 -5.11 34.95
C LEU A 41 -20.00 -6.18 33.88
N TYR A 42 -19.50 -5.93 32.66
CA TYR A 42 -19.68 -6.82 31.51
C TYR A 42 -18.42 -6.85 30.64
N THR A 43 -18.00 -8.03 30.25
CA THR A 43 -16.84 -8.25 29.38
C THR A 43 -17.20 -9.20 28.31
N ALA A 44 -16.71 -8.91 27.11
CA ALA A 44 -16.85 -9.86 26.02
C ALA A 44 -15.54 -10.55 25.79
N LEU A 45 -15.51 -11.50 24.88
CA LEU A 45 -14.22 -12.07 24.47
C LEU A 45 -14.14 -12.24 22.96
N CYS A 46 -12.91 -12.23 22.43
CA CYS A 46 -12.75 -12.48 21.00
C CYS A 46 -11.48 -13.26 20.70
N HIS A 47 -11.28 -13.60 19.41
CA HIS A 47 -10.06 -14.32 18.95
C HIS A 47 -8.76 -13.82 19.64
N THR A 48 -8.61 -12.51 19.73
CA THR A 48 -7.41 -11.94 20.38
C THR A 48 -7.10 -12.52 21.77
N ASP A 49 -8.13 -12.78 22.56
CA ASP A 49 -7.90 -13.35 23.90
C ASP A 49 -7.39 -14.83 23.86
N ALA A 50 -7.99 -15.59 22.96
CA ALA A 50 -7.73 -16.98 22.73
C ALA A 50 -6.40 -17.18 22.08
N TYR A 51 -5.99 -16.24 21.20
CA TYR A 51 -4.68 -16.37 20.62
C TYR A 51 -3.69 -16.42 21.74
N THR A 52 -3.87 -15.61 22.77
CA THR A 52 -2.90 -15.60 23.85
C THR A 52 -3.14 -16.79 24.80
N TRP A 53 -4.38 -17.14 25.02
CA TRP A 53 -4.71 -18.25 25.94
C TRP A 53 -4.18 -19.58 25.38
N SER A 54 -4.21 -19.72 24.08
CA SER A 54 -3.83 -20.96 23.39
C SER A 54 -2.32 -21.22 23.49
N GLY A 55 -1.55 -20.20 23.87
CA GLY A 55 -0.08 -20.31 24.02
C GLY A 55 0.68 -19.93 22.76
N LYS A 56 -0.03 -19.43 21.75
CA LYS A 56 0.59 -19.20 20.47
C LYS A 56 1.22 -17.81 20.39
N ASP A 57 0.95 -16.98 21.38
CA ASP A 57 1.38 -15.60 21.34
C ASP A 57 2.73 -15.56 22.01
N PRO A 58 3.77 -15.17 21.26
CA PRO A 58 5.12 -15.17 21.88
C PRO A 58 5.30 -14.02 22.86
N GLU A 59 4.34 -13.11 22.94
CA GLU A 59 4.31 -12.05 23.97
C GLU A 59 3.55 -12.50 25.21
N GLY A 60 2.90 -13.65 25.13
CA GLY A 60 2.10 -14.13 26.24
C GLY A 60 2.92 -14.37 27.48
N LEU A 61 2.35 -13.99 28.62
CA LEU A 61 2.93 -14.19 29.93
C LEU A 61 1.86 -14.82 30.74
N PHE A 62 2.22 -15.86 31.47
CA PHE A 62 1.33 -16.54 32.39
C PHE A 62 1.98 -16.48 33.73
N PRO A 63 1.20 -16.42 34.78
CA PRO A 63 -0.26 -16.42 34.70
C PRO A 63 -0.78 -14.99 34.45
N CYS A 64 -1.94 -14.91 33.83
CA CYS A 64 -2.48 -13.60 33.49
C CYS A 64 -4.01 -13.57 33.52
N ILE A 65 -4.53 -12.35 33.70
CA ILE A 65 -5.96 -12.09 33.54
C ILE A 65 -6.14 -11.51 32.19
N LEU A 66 -6.78 -12.28 31.33
CA LEU A 66 -7.04 -11.89 29.96
C LEU A 66 -8.23 -10.93 29.91
N GLY A 67 -8.64 -10.55 28.71
CA GLY A 67 -9.81 -9.68 28.49
C GLY A 67 -9.48 -8.23 28.19
N HIS A 68 -10.12 -7.73 27.15
CA HIS A 68 -9.93 -6.35 26.60
C HIS A 68 -11.21 -5.69 26.03
N GLU A 69 -12.36 -6.32 26.11
CA GLU A 69 -13.64 -5.72 25.61
C GLU A 69 -14.54 -5.67 26.84
N ALA A 70 -14.71 -4.50 27.44
CA ALA A 70 -15.50 -4.39 28.66
C ALA A 70 -16.05 -3.02 28.83
N ALA A 71 -16.99 -2.93 29.77
CA ALA A 71 -17.59 -1.69 30.15
C ALA A 71 -17.91 -1.82 31.62
N GLY A 72 -17.78 -0.69 32.30
CA GLY A 72 -17.88 -0.74 33.75
C GLY A 72 -18.06 0.64 34.31
N ILE A 73 -17.74 0.75 35.60
CA ILE A 73 -17.91 1.94 36.39
C ILE A 73 -16.69 2.15 37.27
N VAL A 74 -16.11 3.34 37.15
CA VAL A 74 -14.94 3.70 37.89
C VAL A 74 -15.18 3.65 39.40
N GLU A 75 -14.36 2.87 40.08
CA GLU A 75 -14.39 2.78 41.54
C GLU A 75 -13.53 3.86 42.19
N SER A 76 -12.31 4.01 41.69
CA SER A 76 -11.39 5.04 42.17
C SER A 76 -10.32 5.41 41.15
N VAL A 77 -9.69 6.57 41.39
CA VAL A 77 -8.60 7.08 40.59
C VAL A 77 -7.35 7.42 41.40
N GLY A 78 -6.20 7.25 40.78
CA GLY A 78 -4.94 7.55 41.46
C GLY A 78 -4.60 9.02 41.31
N GLU A 79 -3.50 9.44 41.86
CA GLU A 79 -3.29 10.89 41.88
C GLU A 79 -2.87 11.35 40.49
N GLY A 80 -3.26 12.55 40.18
CA GLY A 80 -3.02 13.11 38.90
C GLY A 80 -4.25 13.06 38.05
N VAL A 81 -5.09 12.02 38.24
CA VAL A 81 -6.13 11.67 37.24
C VAL A 81 -7.28 12.71 37.27
N THR A 82 -7.67 13.27 36.13
CA THR A 82 -8.74 14.30 36.07
C THR A 82 -9.84 14.10 35.01
N GLU A 83 -9.62 13.27 33.99
CA GLU A 83 -10.62 13.15 32.93
C GLU A 83 -11.70 12.19 33.36
N VAL A 84 -11.45 11.33 34.33
CA VAL A 84 -12.50 10.50 34.87
C VAL A 84 -12.45 10.51 36.40
N GLN A 85 -13.57 10.12 37.02
CA GLN A 85 -13.71 10.12 38.45
C GLN A 85 -14.62 8.97 38.89
N ALA A 86 -14.53 8.65 40.17
CA ALA A 86 -15.43 7.67 40.75
C ALA A 86 -16.81 7.79 40.20
N GLY A 87 -17.40 6.66 39.79
CA GLY A 87 -18.77 6.72 39.32
C GLY A 87 -18.97 7.04 37.85
N ASP A 88 -17.95 7.52 37.15
CA ASP A 88 -18.11 7.64 35.68
C ASP A 88 -18.21 6.27 35.05
N HIS A 89 -19.01 6.18 33.99
CA HIS A 89 -19.10 5.01 33.16
C HIS A 89 -18.01 5.05 32.07
N VAL A 90 -17.30 3.93 31.93
CA VAL A 90 -16.14 3.86 31.08
C VAL A 90 -15.99 2.55 30.29
N ILE A 91 -15.18 2.65 29.21
CA ILE A 91 -14.80 1.51 28.43
C ILE A 91 -13.31 1.57 28.42
N PRO A 92 -12.63 0.57 29.00
CA PRO A 92 -11.15 0.51 28.96
C PRO A 92 -10.71 0.11 27.53
N CYS A 93 -9.67 0.76 27.05
CA CYS A 93 -9.21 0.54 25.67
C CYS A 93 -7.80 -0.08 25.57
N TYR A 94 -7.62 -1.10 24.73
CA TYR A 94 -6.30 -1.74 24.61
C TYR A 94 -5.35 -0.78 23.92
N GLN A 95 -5.90 0.20 23.17
CA GLN A 95 -5.15 1.27 22.52
C GLN A 95 -5.23 2.55 23.29
N ALA A 96 -4.10 3.02 23.78
CA ALA A 96 -4.06 4.28 24.54
C ALA A 96 -4.36 5.46 23.67
N GLU A 97 -4.69 6.58 24.31
CA GLU A 97 -4.59 7.88 23.65
C GLU A 97 -4.07 8.94 24.67
N CYS A 98 -2.76 9.14 24.74
CA CYS A 98 -2.17 10.04 25.76
C CYS A 98 -2.26 11.51 25.33
N ARG A 99 -2.36 11.75 24.03
CA ARG A 99 -2.54 13.10 23.42
C ARG A 99 -1.29 13.93 23.50
N GLU A 100 -0.19 13.33 23.96
CA GLU A 100 1.08 14.03 24.26
C GLU A 100 2.32 13.48 23.53
N CYS A 101 2.24 12.30 22.94
CA CYS A 101 3.43 11.73 22.30
C CYS A 101 3.53 12.13 20.77
N LYS A 102 4.69 11.84 20.14
CA LYS A 102 4.90 12.01 18.68
C LYS A 102 3.73 11.54 17.87
N PHE A 103 3.23 10.35 18.21
CA PHE A 103 2.14 9.74 17.44
C PHE A 103 0.80 10.50 17.52
N CYS A 104 0.40 10.82 18.75
CA CYS A 104 -0.87 11.49 19.02
C CYS A 104 -0.85 12.91 18.43
N LYS A 105 0.29 13.57 18.47
CA LYS A 105 0.41 14.97 18.00
C LYS A 105 0.54 15.06 16.50
N SER A 106 1.01 13.97 15.89
CA SER A 106 1.26 13.91 14.45
C SER A 106 0.06 14.35 13.63
N GLY A 107 -1.13 13.99 14.09
CA GLY A 107 -2.38 14.16 13.33
C GLY A 107 -2.53 13.12 12.24
N LYS A 108 -1.70 12.07 12.23
CA LYS A 108 -1.61 11.17 11.07
C LYS A 108 -1.78 9.69 11.46
N THR A 109 -2.23 9.41 12.69
CA THR A 109 -2.39 8.04 13.15
C THR A 109 -3.08 8.04 14.51
N ASN A 110 -3.73 6.93 14.83
CA ASN A 110 -4.37 6.72 16.13
C ASN A 110 -3.48 5.94 17.06
N LEU A 111 -2.31 5.47 16.58
CA LEU A 111 -1.43 4.70 17.44
C LEU A 111 -0.85 5.66 18.45
N CYS A 112 -0.52 5.17 19.62
CA CYS A 112 -0.03 6.02 20.70
C CYS A 112 0.93 5.10 21.40
N GLY A 113 2.15 5.56 21.64
CA GLY A 113 3.13 4.65 22.25
C GLY A 113 3.39 4.86 23.73
N LYS A 114 2.47 5.51 24.43
CA LYS A 114 2.82 6.04 25.74
C LYS A 114 3.04 4.92 26.77
N VAL A 115 2.13 3.93 26.82
CA VAL A 115 2.15 2.91 27.94
C VAL A 115 2.59 1.51 27.46
N ARG A 116 2.74 1.37 26.14
CA ARG A 116 2.95 0.09 25.55
C ARG A 116 4.19 -0.64 26.06
N SER A 117 5.21 0.08 26.51
CA SER A 117 6.37 -0.62 27.08
C SER A 117 5.89 -1.46 28.28
N ALA A 118 5.10 -0.86 29.19
CA ALA A 118 4.60 -1.59 30.32
C ALA A 118 3.45 -2.55 29.96
N THR A 119 2.45 -2.15 29.18
CA THR A 119 1.37 -3.08 28.96
C THR A 119 1.74 -4.29 28.10
N GLY A 120 2.73 -4.14 27.24
CA GLY A 120 3.17 -5.25 26.44
C GLY A 120 3.72 -6.36 27.28
N VAL A 121 4.25 -6.05 28.44
CA VAL A 121 4.83 -7.06 29.33
C VAL A 121 3.95 -7.22 30.56
N GLY A 122 2.65 -6.94 30.44
CA GLY A 122 1.71 -7.23 31.52
C GLY A 122 1.87 -6.52 32.86
N ILE A 123 2.37 -5.30 32.84
CA ILE A 123 2.53 -4.50 34.08
C ILE A 123 2.07 -3.04 33.87
N MET A 124 2.18 -2.26 34.94
CA MET A 124 1.92 -0.84 34.91
C MET A 124 3.16 0.02 34.81
N MET A 125 3.00 1.18 34.18
CA MET A 125 4.07 2.16 34.03
C MET A 125 4.61 2.67 35.35
N ASN A 126 3.72 3.00 36.30
CA ASN A 126 4.14 3.81 37.42
C ASN A 126 5.20 3.15 38.26
N ASP A 127 5.11 1.83 38.46
CA ASP A 127 6.08 1.09 39.24
C ASP A 127 6.62 -0.17 38.52
N ARG A 128 6.29 -0.33 37.25
CA ARG A 128 6.59 -1.52 36.51
C ARG A 128 6.34 -2.79 37.32
N LYS A 129 5.18 -2.88 37.96
CA LYS A 129 4.70 -4.08 38.70
C LYS A 129 3.23 -4.36 38.31
N SER A 130 2.73 -5.55 38.64
CA SER A 130 1.33 -5.89 38.44
C SER A 130 0.53 -5.32 39.59
N ARG A 131 -0.75 -5.04 39.33
CA ARG A 131 -1.73 -4.70 40.39
C ARG A 131 -2.53 -5.91 40.90
N PHE A 132 -2.36 -7.04 40.24
CA PHE A 132 -3.08 -8.26 40.56
C PHE A 132 -2.16 -9.24 41.32
N SER A 133 -2.73 -9.95 42.29
CA SER A 133 -2.03 -11.07 42.95
C SER A 133 -3.03 -12.14 43.40
N VAL A 134 -2.57 -13.39 43.48
CA VAL A 134 -3.24 -14.38 44.34
C VAL A 134 -2.22 -15.06 45.28
N ASN A 135 -2.62 -15.06 46.56
CA ASN A 135 -1.81 -15.54 47.67
C ASN A 135 -0.41 -14.97 47.60
N GLY A 136 -0.32 -13.65 47.57
CA GLY A 136 0.97 -12.96 47.59
C GLY A 136 1.82 -13.04 46.33
N LYS A 137 1.37 -13.73 45.28
CA LYS A 137 2.12 -13.92 44.02
C LYS A 137 1.47 -13.12 42.88
N PRO A 138 2.26 -12.38 42.07
CA PRO A 138 1.66 -11.57 41.03
C PRO A 138 1.03 -12.40 39.90
N ILE A 139 0.02 -11.79 39.27
CA ILE A 139 -0.68 -12.29 38.08
C ILE A 139 -0.52 -11.12 37.06
N TYR A 140 -0.18 -11.45 35.84
CA TYR A 140 0.13 -10.40 34.86
C TYR A 140 -1.16 -9.79 34.27
N HIS A 141 -1.07 -8.52 33.89
CA HIS A 141 -2.12 -7.85 33.13
C HIS A 141 -2.07 -8.31 31.71
N PHE A 142 -3.10 -7.97 30.95
CA PHE A 142 -3.13 -8.29 29.53
C PHE A 142 -3.68 -7.11 28.73
N MET A 143 -2.96 -6.68 27.68
CA MET A 143 -3.39 -5.61 26.80
C MET A 143 -3.65 -4.22 27.46
N GLY A 144 -3.13 -4.01 28.65
CA GLY A 144 -3.48 -2.85 29.44
C GLY A 144 -4.89 -2.84 30.03
N THR A 145 -5.64 -3.94 29.87
CA THR A 145 -7.09 -3.94 30.23
C THR A 145 -7.49 -4.96 31.29
N SER A 146 -7.18 -6.24 31.05
CA SER A 146 -7.47 -7.32 32.01
C SER A 146 -8.92 -7.28 32.47
N THR A 147 -9.81 -7.51 31.55
CA THR A 147 -11.23 -7.32 31.87
C THR A 147 -12.01 -8.57 32.32
N PHE A 148 -11.39 -9.75 32.35
CA PHE A 148 -12.01 -10.94 32.94
C PHE A 148 -11.89 -10.96 34.47
N SER A 149 -12.47 -9.96 35.09
CA SER A 149 -12.29 -9.68 36.51
C SER A 149 -13.36 -8.69 36.84
N GLN A 150 -13.82 -8.72 38.07
CA GLN A 150 -14.84 -7.78 38.53
C GLN A 150 -14.25 -6.42 38.76
N TYR A 151 -12.94 -6.36 39.01
CA TYR A 151 -12.19 -5.11 39.09
C TYR A 151 -10.88 -5.20 38.31
N THR A 152 -10.52 -4.12 37.61
CA THR A 152 -9.23 -4.02 37.00
C THR A 152 -8.66 -2.64 37.23
N VAL A 153 -7.36 -2.52 37.03
CA VAL A 153 -6.65 -1.25 37.07
C VAL A 153 -5.96 -1.09 35.76
N VAL A 154 -6.21 0.09 35.18
CA VAL A 154 -5.75 0.45 33.86
C VAL A 154 -5.11 1.84 33.93
N HIS A 155 -4.35 2.19 32.87
CA HIS A 155 -3.80 3.56 32.78
C HIS A 155 -4.92 4.49 32.41
N ASP A 156 -4.81 5.73 32.90
CA ASP A 156 -5.85 6.71 32.64
C ASP A 156 -5.91 7.09 31.19
N VAL A 157 -4.78 6.99 30.47
CA VAL A 157 -4.75 7.24 29.02
C VAL A 157 -5.50 6.22 28.16
N SER A 158 -5.91 5.11 28.76
CA SER A 158 -6.65 4.02 28.09
C SER A 158 -8.15 3.98 28.47
N VAL A 159 -8.68 5.03 29.13
CA VAL A 159 -10.05 5.03 29.65
C VAL A 159 -10.87 6.01 28.91
N ALA A 160 -11.93 5.53 28.23
CA ALA A 160 -12.86 6.35 27.50
C ALA A 160 -14.09 6.55 28.37
N LYS A 161 -14.42 7.81 28.60
CA LYS A 161 -15.59 8.17 29.40
C LYS A 161 -16.80 8.26 28.49
N ILE A 162 -17.84 7.51 28.83
CA ILE A 162 -18.99 7.39 27.99
C ILE A 162 -20.31 7.83 28.64
N ASP A 163 -21.33 7.93 27.81
CA ASP A 163 -22.68 8.30 28.21
C ASP A 163 -23.21 7.39 29.34
N PRO A 164 -23.50 7.99 30.50
CA PRO A 164 -23.86 7.19 31.69
C PRO A 164 -25.18 6.39 31.56
N THR A 165 -26.01 6.71 30.56
CA THR A 165 -27.22 5.94 30.33
C THR A 165 -27.02 4.76 29.38
N ALA A 166 -25.79 4.57 28.87
CA ALA A 166 -25.66 3.58 27.82
C ALA A 166 -25.69 2.20 28.45
N PRO A 167 -26.31 1.22 27.77
CA PRO A 167 -26.35 -0.12 28.36
C PRO A 167 -24.96 -0.76 28.37
N LEU A 168 -24.42 -1.01 29.58
CA LEU A 168 -23.08 -1.58 29.78
C LEU A 168 -22.90 -3.01 29.20
N ASP A 169 -24.01 -3.70 28.96
CA ASP A 169 -23.94 -5.05 28.42
C ASP A 169 -23.98 -5.09 26.93
N LYS A 170 -24.04 -3.93 26.31
CA LYS A 170 -23.91 -3.79 24.86
C LYS A 170 -22.64 -3.01 24.44
N VAL A 171 -22.33 -1.91 25.15
CA VAL A 171 -21.27 -1.00 24.68
C VAL A 171 -19.89 -1.57 24.96
N CYS A 172 -19.81 -2.66 25.73
CA CYS A 172 -18.59 -3.39 25.89
C CYS A 172 -17.92 -3.84 24.52
N LEU A 173 -18.70 -4.00 23.46
CA LEU A 173 -18.16 -4.43 22.16
C LEU A 173 -17.43 -3.26 21.47
N LEU A 174 -17.71 -2.02 21.92
CA LEU A 174 -17.11 -0.82 21.34
C LEU A 174 -15.64 -0.60 21.76
N GLY A 175 -15.09 -1.48 22.59
CA GLY A 175 -13.67 -1.46 22.85
C GLY A 175 -12.84 -2.28 21.85
N CYS A 176 -13.45 -3.01 20.89
CA CYS A 176 -12.61 -3.87 19.97
C CYS A 176 -13.14 -4.07 18.55
N GLY A 177 -13.91 -5.13 18.31
CA GLY A 177 -14.27 -5.51 16.93
C GLY A 177 -15.17 -4.58 16.10
N VAL A 178 -16.19 -4.05 16.74
CA VAL A 178 -17.11 -3.22 15.98
C VAL A 178 -16.47 -1.89 15.44
N PRO A 179 -15.80 -1.13 16.28
CA PRO A 179 -15.09 0.06 15.79
C PRO A 179 -13.95 -0.31 14.78
N THR A 180 -13.36 -1.49 14.94
CA THR A 180 -12.34 -1.95 14.00
C THR A 180 -12.92 -2.02 12.62
N GLY A 181 -14.04 -2.69 12.48
CA GLY A 181 -14.64 -2.86 11.20
C GLY A 181 -15.21 -1.61 10.56
N LEU A 182 -15.99 -0.86 11.35
CA LEU A 182 -16.59 0.38 10.93
C LEU A 182 -15.51 1.32 10.45
N GLY A 183 -14.52 1.51 11.30
CA GLY A 183 -13.44 2.39 11.01
C GLY A 183 -12.52 1.92 9.89
N ALA A 184 -12.32 0.63 9.68
CA ALA A 184 -11.60 0.19 8.47
C ALA A 184 -12.18 0.79 7.23
N VAL A 185 -13.52 0.91 7.24
CA VAL A 185 -14.20 1.54 6.12
C VAL A 185 -14.12 3.06 6.12
N TRP A 186 -14.45 3.66 7.26
CA TRP A 186 -14.70 5.09 7.32
C TRP A 186 -13.42 5.89 7.48
N ASN A 187 -12.46 5.33 8.17
CA ASN A 187 -11.19 6.08 8.45
C ASN A 187 -10.06 5.58 7.55
N THR A 188 -9.88 4.26 7.43
CA THR A 188 -8.68 3.73 6.81
C THR A 188 -8.84 3.75 5.31
N ALA A 189 -9.87 3.07 4.81
CA ALA A 189 -10.16 3.10 3.38
C ALA A 189 -10.83 4.42 2.92
N LYS A 190 -11.72 5.00 3.74
CA LYS A 190 -12.54 6.13 3.28
C LYS A 190 -13.37 5.81 2.01
N VAL A 191 -14.20 4.78 2.12
CA VAL A 191 -15.02 4.22 1.03
C VAL A 191 -16.11 5.22 0.69
N GLU A 192 -16.16 5.59 -0.59
CA GLU A 192 -17.11 6.52 -1.13
C GLU A 192 -18.41 5.81 -1.52
N PRO A 193 -19.52 6.58 -1.57
CA PRO A 193 -20.80 6.06 -2.12
C PRO A 193 -20.65 5.52 -3.50
N GLY A 194 -21.23 4.37 -3.75
CA GLY A 194 -21.11 3.72 -5.05
C GLY A 194 -19.97 2.78 -5.22
N SER A 195 -19.07 2.71 -4.26
CA SER A 195 -17.97 1.74 -4.30
C SER A 195 -18.42 0.27 -4.20
N ASN A 196 -17.66 -0.59 -4.86
CA ASN A 196 -17.73 -2.01 -4.69
C ASN A 196 -16.70 -2.54 -3.74
N VAL A 197 -17.15 -3.39 -2.86
CA VAL A 197 -16.32 -3.85 -1.78
C VAL A 197 -16.33 -5.37 -1.70
N ALA A 198 -15.21 -5.95 -1.31
CA ALA A 198 -15.19 -7.36 -1.00
C ALA A 198 -14.71 -7.53 0.41
N ILE A 199 -15.38 -8.45 1.11
CA ILE A 199 -15.10 -8.70 2.50
C ILE A 199 -14.79 -10.18 2.75
N PHE A 200 -13.54 -10.46 3.15
CA PHE A 200 -13.06 -11.82 3.38
C PHE A 200 -13.18 -12.13 4.90
N GLY A 201 -14.12 -13.01 5.25
CA GLY A 201 -14.30 -13.45 6.66
C GLY A 201 -15.50 -12.70 7.21
N LEU A 202 -16.54 -13.45 7.61
CA LEU A 202 -17.84 -12.88 8.01
C LEU A 202 -18.21 -13.18 9.48
N GLY A 203 -17.22 -12.99 10.33
CA GLY A 203 -17.43 -12.92 11.75
C GLY A 203 -17.78 -11.54 12.20
N THR A 204 -17.57 -11.30 13.47
CA THR A 204 -17.92 -10.03 14.05
C THR A 204 -17.30 -8.86 13.23
N VAL A 205 -16.01 -8.94 12.94
CA VAL A 205 -15.23 -7.86 12.36
C VAL A 205 -15.67 -7.62 10.96
N GLY A 206 -15.74 -8.69 10.17
CA GLY A 206 -16.22 -8.59 8.86
C GLY A 206 -17.59 -8.06 8.75
N LEU A 207 -18.45 -8.50 9.66
CA LEU A 207 -19.81 -8.01 9.64
C LEU A 207 -19.84 -6.50 9.96
N ALA A 208 -18.90 -6.04 10.81
CA ALA A 208 -18.83 -4.62 11.13
C ALA A 208 -18.34 -3.81 9.86
N VAL A 209 -17.41 -4.41 9.14
CA VAL A 209 -16.96 -3.83 7.86
C VAL A 209 -18.17 -3.71 6.96
N ALA A 210 -19.00 -4.73 6.93
CA ALA A 210 -20.16 -4.69 6.02
C ALA A 210 -21.15 -3.56 6.41
N GLU A 211 -21.45 -3.42 7.69
CA GLU A 211 -22.28 -2.32 8.21
C GLU A 211 -21.63 -0.96 7.85
N GLY A 212 -20.32 -0.87 8.08
CA GLY A 212 -19.58 0.32 7.68
C GLY A 212 -19.74 0.66 6.21
N ALA A 213 -19.51 -0.32 5.36
CA ALA A 213 -19.66 -0.11 3.93
C ALA A 213 -21.06 0.24 3.55
N LYS A 214 -22.05 -0.47 4.12
CA LYS A 214 -23.42 -0.14 3.85
C LYS A 214 -23.71 1.30 4.28
N THR A 215 -23.32 1.67 5.49
CA THR A 215 -23.58 3.04 5.99
C THR A 215 -22.92 4.12 5.08
N ALA A 216 -21.75 3.80 4.51
CA ALA A 216 -20.95 4.77 3.71
C ALA A 216 -21.47 4.85 2.30
N GLY A 217 -22.40 3.97 1.96
CA GLY A 217 -23.02 3.99 0.64
C GLY A 217 -22.46 3.04 -0.42
N ALA A 218 -21.75 2.01 -0.02
CA ALA A 218 -21.25 1.05 -0.98
C ALA A 218 -22.34 0.38 -1.82
N SER A 219 -22.01 0.03 -3.05
CA SER A 219 -22.96 -0.73 -3.92
C SER A 219 -22.82 -2.18 -3.72
N ARG A 220 -21.92 -2.85 -4.45
CA ARG A 220 -21.81 -4.30 -4.25
C ARG A 220 -21.00 -4.49 -3.02
N ILE A 221 -21.50 -5.30 -2.13
CA ILE A 221 -20.78 -5.66 -0.93
C ILE A 221 -20.70 -7.16 -0.92
N ILE A 222 -19.58 -7.67 -1.38
CA ILE A 222 -19.39 -9.09 -1.64
C ILE A 222 -18.71 -9.73 -0.49
N GLY A 223 -19.38 -10.68 0.14
CA GLY A 223 -18.78 -11.46 1.22
C GLY A 223 -18.15 -12.79 0.81
N ILE A 224 -17.03 -13.13 1.45
CA ILE A 224 -16.30 -14.35 1.19
C ILE A 224 -16.07 -15.04 2.47
N ASP A 225 -16.57 -16.28 2.55
CA ASP A 225 -16.31 -17.12 3.73
C ASP A 225 -16.23 -18.62 3.36
N ILE A 226 -15.36 -19.35 4.08
CA ILE A 226 -15.30 -20.83 3.92
C ILE A 226 -16.52 -21.57 4.50
N ASP A 227 -17.39 -20.89 5.24
CA ASP A 227 -18.60 -21.51 5.77
C ASP A 227 -19.81 -20.82 5.18
N SER A 228 -20.50 -21.49 4.26
CA SER A 228 -21.59 -20.86 3.52
C SER A 228 -22.80 -20.50 4.35
N LYS A 229 -22.94 -21.09 5.52
CA LYS A 229 -24.11 -20.80 6.35
C LYS A 229 -24.03 -19.34 6.85
N LYS A 230 -22.80 -18.86 7.13
CA LYS A 230 -22.54 -17.46 7.51
C LYS A 230 -23.28 -16.39 6.71
N TYR A 231 -23.61 -16.67 5.44
CA TYR A 231 -24.16 -15.63 4.54
C TYR A 231 -25.50 -15.10 4.99
N GLU A 232 -26.37 -15.99 5.48
CA GLU A 232 -27.77 -15.59 5.74
C GLU A 232 -27.76 -14.55 6.86
N THR A 233 -27.01 -14.79 7.92
CA THR A 233 -26.84 -13.79 8.95
C THR A 233 -26.23 -12.47 8.38
N ALA A 234 -25.27 -12.62 7.49
CA ALA A 234 -24.50 -11.50 7.02
C ALA A 234 -25.33 -10.53 6.21
N LYS A 235 -26.41 -10.97 5.55
CA LYS A 235 -27.26 -10.09 4.73
C LYS A 235 -27.87 -8.90 5.52
N LYS A 236 -28.18 -9.11 6.79
CA LYS A 236 -28.74 -8.06 7.63
C LYS A 236 -27.71 -6.96 7.87
N PHE A 237 -26.44 -7.35 8.01
CA PHE A 237 -25.35 -6.39 8.24
C PHE A 237 -24.89 -5.65 6.98
N GLY A 238 -25.37 -6.13 5.82
CA GLY A 238 -25.27 -5.42 4.55
C GLY A 238 -24.57 -6.20 3.42
N VAL A 239 -24.05 -7.42 3.71
CA VAL A 239 -23.54 -8.30 2.62
C VAL A 239 -24.63 -8.68 1.62
N ASN A 240 -24.42 -8.41 0.34
CA ASN A 240 -25.46 -8.64 -0.68
C ASN A 240 -25.04 -9.55 -1.84
N GLU A 241 -23.86 -10.13 -1.76
CA GLU A 241 -23.44 -11.23 -2.65
C GLU A 241 -22.47 -12.04 -1.85
N PHE A 242 -22.20 -13.26 -2.31
CA PHE A 242 -21.42 -14.19 -1.49
C PHE A 242 -20.73 -15.24 -2.29
N VAL A 243 -19.55 -15.64 -1.84
CA VAL A 243 -18.73 -16.58 -2.59
C VAL A 243 -18.03 -17.41 -1.55
N ASN A 244 -18.12 -18.73 -1.64
CA ASN A 244 -17.28 -19.59 -0.83
C ASN A 244 -16.13 -20.04 -1.74
N PRO A 245 -14.87 -19.76 -1.33
CA PRO A 245 -13.73 -20.23 -2.12
C PRO A 245 -13.86 -21.73 -2.52
N LYS A 246 -14.38 -22.56 -1.62
CA LYS A 246 -14.49 -24.03 -1.86
C LYS A 246 -15.39 -24.37 -3.04
N ASP A 247 -16.24 -23.46 -3.48
CA ASP A 247 -17.08 -23.75 -4.64
C ASP A 247 -16.42 -23.46 -5.97
N HIS A 248 -15.12 -23.13 -5.98
CA HIS A 248 -14.41 -22.77 -7.22
C HIS A 248 -13.01 -23.37 -7.23
N ASP A 249 -12.57 -23.84 -8.39
CA ASP A 249 -11.19 -24.34 -8.57
C ASP A 249 -10.17 -23.23 -8.68
N LYS A 250 -10.53 -22.17 -9.41
CA LYS A 250 -9.70 -20.95 -9.49
C LYS A 250 -9.46 -20.29 -8.09
N PRO A 251 -8.28 -19.68 -7.93
CA PRO A 251 -8.00 -18.84 -6.79
C PRO A 251 -9.17 -17.85 -6.61
N ILE A 252 -9.62 -17.72 -5.34
CA ILE A 252 -10.70 -16.75 -4.99
C ILE A 252 -10.52 -15.34 -5.62
N GLN A 253 -9.26 -14.84 -5.68
CA GLN A 253 -9.05 -13.52 -6.33
C GLN A 253 -9.57 -13.50 -7.74
N GLU A 254 -9.36 -14.59 -8.48
CA GLU A 254 -9.77 -14.56 -9.90
C GLU A 254 -11.27 -14.66 -10.03
N VAL A 255 -11.89 -15.41 -9.14
CA VAL A 255 -13.36 -15.45 -9.11
C VAL A 255 -13.95 -14.04 -8.92
N ILE A 256 -13.38 -13.32 -7.94
CA ILE A 256 -13.87 -11.98 -7.56
C ILE A 256 -13.67 -11.02 -8.72
N VAL A 257 -12.51 -11.07 -9.34
CA VAL A 257 -12.25 -10.22 -10.53
C VAL A 257 -13.21 -10.49 -11.64
N ASP A 258 -13.44 -11.78 -11.95
CA ASP A 258 -14.44 -12.19 -12.94
C ASP A 258 -15.82 -11.65 -12.63
N LEU A 259 -16.25 -11.83 -11.39
CA LEU A 259 -17.56 -11.37 -10.92
C LEU A 259 -17.78 -9.86 -11.05
N THR A 260 -16.69 -9.10 -10.92
CA THR A 260 -16.75 -7.65 -10.94
C THR A 260 -16.22 -7.04 -12.22
N ASP A 261 -15.84 -7.83 -13.22
CA ASP A 261 -15.43 -7.25 -14.47
C ASP A 261 -14.12 -6.41 -14.30
N GLY A 262 -13.21 -6.84 -13.44
CA GLY A 262 -11.93 -6.15 -13.16
C GLY A 262 -11.39 -6.08 -11.72
N GLY A 263 -12.26 -6.20 -10.74
CA GLY A 263 -11.85 -6.17 -9.37
C GLY A 263 -12.74 -5.21 -8.60
N VAL A 264 -12.61 -5.26 -7.28
CA VAL A 264 -13.36 -4.34 -6.43
C VAL A 264 -12.61 -3.07 -6.18
N ASP A 265 -13.37 -2.09 -5.70
CA ASP A 265 -12.75 -0.81 -5.36
C ASP A 265 -12.02 -0.90 -4.07
N TYR A 266 -12.55 -1.63 -3.11
CA TYR A 266 -11.89 -1.85 -1.83
C TYR A 266 -12.07 -3.28 -1.35
N SER A 267 -11.04 -3.88 -0.78
CA SER A 267 -11.22 -5.14 -0.13
C SER A 267 -10.77 -5.08 1.29
N PHE A 268 -11.33 -5.99 2.09
CA PHE A 268 -10.97 -6.01 3.50
C PHE A 268 -10.73 -7.46 3.95
N GLU A 269 -9.56 -7.76 4.53
CA GLU A 269 -9.34 -9.13 4.98
C GLU A 269 -9.61 -9.11 6.48
N CYS A 270 -10.59 -9.89 6.95
CA CYS A 270 -11.00 -9.89 8.34
C CYS A 270 -10.88 -11.28 8.97
N ILE A 271 -9.71 -11.89 8.79
CA ILE A 271 -9.47 -13.29 9.19
C ILE A 271 -8.16 -13.42 9.87
N GLY A 272 -7.08 -12.96 9.25
CA GLY A 272 -5.79 -13.26 9.83
C GLY A 272 -4.92 -14.28 9.07
N ASN A 273 -5.31 -14.56 7.85
CA ASN A 273 -4.70 -15.56 6.99
C ASN A 273 -3.94 -14.86 5.84
N VAL A 274 -2.62 -15.00 5.83
CA VAL A 274 -1.74 -14.33 4.85
C VAL A 274 -1.98 -14.64 3.41
N SER A 275 -2.43 -15.88 3.09
CA SER A 275 -2.85 -16.23 1.73
C SER A 275 -4.02 -15.44 1.31
N VAL A 276 -4.93 -15.24 2.25
CA VAL A 276 -6.19 -14.61 1.91
C VAL A 276 -5.96 -13.09 1.79
N MET A 277 -5.03 -12.58 2.57
CA MET A 277 -4.60 -11.22 2.50
C MET A 277 -4.07 -10.90 1.13
N ARG A 278 -3.28 -11.83 0.56
CA ARG A 278 -2.80 -11.69 -0.80
C ARG A 278 -3.96 -11.69 -1.74
N ALA A 279 -4.84 -12.64 -1.59
CA ALA A 279 -5.99 -12.71 -2.49
C ALA A 279 -6.82 -11.39 -2.44
N ALA A 280 -6.98 -10.85 -1.26
CA ALA A 280 -7.83 -9.62 -1.07
C ALA A 280 -7.18 -8.44 -1.83
N LEU A 281 -5.85 -8.42 -1.85
CA LEU A 281 -5.16 -7.41 -2.69
C LEU A 281 -5.35 -7.66 -4.17
N GLU A 282 -5.16 -8.92 -4.59
CA GLU A 282 -5.16 -9.24 -6.03
C GLU A 282 -6.55 -9.20 -6.61
N CYS A 283 -7.59 -9.19 -5.80
CA CYS A 283 -8.96 -8.98 -6.35
C CYS A 283 -9.40 -7.52 -6.51
N CYS A 284 -8.54 -6.58 -6.12
CA CYS A 284 -8.82 -5.14 -6.30
C CYS A 284 -8.56 -4.71 -7.73
N HIS A 285 -9.34 -3.77 -8.14
CA HIS A 285 -9.25 -3.22 -9.48
C HIS A 285 -7.91 -2.58 -9.73
N LYS A 286 -7.44 -2.77 -10.94
CA LYS A 286 -6.25 -2.11 -11.47
C LYS A 286 -6.52 -0.60 -11.41
N GLY A 287 -5.48 0.18 -11.30
CA GLY A 287 -5.61 1.62 -11.35
C GLY A 287 -5.89 2.30 -10.07
N TRP A 288 -6.75 1.73 -9.23
CA TRP A 288 -7.12 2.44 -8.06
C TRP A 288 -7.60 1.55 -6.89
N GLY A 289 -7.63 0.24 -7.02
CA GLY A 289 -8.12 -0.56 -5.87
C GLY A 289 -7.26 -0.54 -4.67
N THR A 290 -7.86 -0.64 -3.48
CA THR A 290 -7.16 -0.56 -2.19
C THR A 290 -7.61 -1.74 -1.34
N SER A 291 -6.66 -2.44 -0.77
CA SER A 291 -6.96 -3.50 0.17
C SER A 291 -6.48 -3.15 1.52
N VAL A 292 -7.35 -3.40 2.50
CA VAL A 292 -7.07 -3.12 3.90
C VAL A 292 -7.01 -4.41 4.69
N ILE A 293 -5.88 -4.65 5.31
CA ILE A 293 -5.73 -5.79 6.17
C ILE A 293 -6.26 -5.35 7.56
N VAL A 294 -7.26 -6.08 8.01
CA VAL A 294 -7.82 -5.95 9.36
C VAL A 294 -7.41 -7.15 10.21
N GLY A 295 -7.48 -8.33 9.59
CA GLY A 295 -6.95 -9.54 10.23
C GLY A 295 -5.54 -9.47 10.77
N VAL A 296 -5.29 -10.12 11.94
CA VAL A 296 -3.96 -10.20 12.57
C VAL A 296 -3.32 -11.57 12.35
N ALA A 297 -2.25 -11.62 11.56
CA ALA A 297 -1.48 -12.85 11.30
C ALA A 297 -0.68 -13.37 12.48
N ALA A 298 -0.53 -14.67 12.48
CA ALA A 298 0.35 -15.33 13.43
C ALA A 298 1.74 -14.80 13.27
N SER A 299 2.47 -14.76 14.36
CA SER A 299 3.91 -14.62 14.35
C SER A 299 4.65 -15.33 13.20
N GLY A 300 5.48 -14.57 12.49
CA GLY A 300 6.35 -15.11 11.47
C GLY A 300 5.69 -15.22 10.13
N GLN A 301 4.36 -15.18 10.07
CA GLN A 301 3.67 -15.21 8.77
C GLN A 301 3.98 -13.94 7.89
N GLU A 302 4.05 -14.10 6.56
CA GLU A 302 4.43 -13.03 5.66
C GLU A 302 3.36 -12.95 4.63
N ILE A 303 3.04 -11.73 4.19
CA ILE A 303 2.26 -11.54 2.98
C ILE A 303 3.24 -11.37 1.77
N SER A 304 2.75 -11.77 0.62
CA SER A 304 3.40 -11.64 -0.66
C SER A 304 2.46 -11.25 -1.76
N THR A 305 3.02 -10.57 -2.74
CA THR A 305 2.40 -10.45 -4.05
C THR A 305 3.49 -10.12 -5.07
N ARG A 306 3.09 -9.87 -6.32
CA ARG A 306 4.05 -9.42 -7.35
C ARG A 306 4.04 -7.89 -7.43
N PRO A 307 5.20 -7.25 -7.53
CA PRO A 307 5.20 -5.81 -7.52
C PRO A 307 4.37 -5.17 -8.58
N PHE A 308 4.11 -5.82 -9.73
CA PHE A 308 3.25 -5.23 -10.75
C PHE A 308 1.80 -4.96 -10.22
N GLN A 309 1.36 -5.71 -9.22
CA GLN A 309 0.08 -5.45 -8.55
C GLN A 309 0.00 -4.03 -8.04
N LEU A 310 1.11 -3.54 -7.49
CA LEU A 310 1.17 -2.18 -6.94
C LEU A 310 1.55 -1.14 -8.04
N VAL A 311 2.47 -1.52 -8.93
CA VAL A 311 2.88 -0.66 -10.00
C VAL A 311 1.68 -0.29 -10.89
N THR A 312 0.70 -1.16 -11.01
CA THR A 312 -0.46 -0.91 -11.85
C THR A 312 -1.62 -0.34 -11.01
N GLY A 313 -1.33 0.15 -9.79
CA GLY A 313 -2.20 1.10 -9.14
C GLY A 313 -3.04 0.58 -7.97
N ARG A 314 -2.79 -0.65 -7.51
CA ARG A 314 -3.40 -1.13 -6.28
C ARG A 314 -2.60 -0.61 -5.11
N VAL A 315 -3.25 -0.47 -3.96
CA VAL A 315 -2.65 0.10 -2.81
C VAL A 315 -2.89 -0.87 -1.67
N TRP A 316 -1.86 -1.10 -0.87
CA TRP A 316 -1.95 -2.08 0.24
C TRP A 316 -1.80 -1.37 1.58
N LYS A 317 -2.81 -1.58 2.44
CA LYS A 317 -2.93 -0.82 3.67
C LYS A 317 -3.33 -1.80 4.77
N GLY A 318 -3.43 -1.28 5.96
CA GLY A 318 -3.97 -2.09 7.10
C GLY A 318 -4.48 -1.16 8.15
N THR A 319 -5.14 -1.70 9.18
CA THR A 319 -5.82 -0.85 10.15
C THR A 319 -5.65 -1.40 11.55
N ALA A 320 -5.58 -0.47 12.52
CA ALA A 320 -5.44 -0.79 13.95
C ALA A 320 -6.57 -0.05 14.65
N PHE A 321 -7.46 -0.85 15.20
CA PHE A 321 -8.68 -0.33 15.84
C PHE A 321 -9.47 0.63 14.97
N GLY A 322 -9.50 0.33 13.66
CA GLY A 322 -10.23 1.10 12.73
C GLY A 322 -9.78 2.54 12.52
N GLY A 323 -8.56 2.83 12.97
CA GLY A 323 -8.01 4.17 12.93
C GLY A 323 -8.69 5.13 13.91
N PHE A 324 -9.53 4.61 14.81
CA PHE A 324 -10.16 5.46 15.81
C PHE A 324 -9.19 5.80 16.96
N LYS A 325 -9.30 7.02 17.49
CA LYS A 325 -8.59 7.41 18.69
C LYS A 325 -9.50 7.05 19.85
N SER A 326 -9.00 6.22 20.73
CA SER A 326 -9.82 5.55 21.73
C SER A 326 -10.61 6.54 22.65
N ARG A 327 -9.93 7.40 23.39
CA ARG A 327 -10.55 8.23 24.40
C ARG A 327 -11.43 9.27 23.79
N THR A 328 -11.04 9.80 22.64
CA THR A 328 -11.83 10.78 21.92
C THR A 328 -13.06 10.17 21.18
N GLN A 329 -12.91 9.05 20.52
CA GLN A 329 -13.94 8.63 19.54
C GLN A 329 -14.78 7.43 19.96
N VAL A 330 -14.31 6.69 20.93
CA VAL A 330 -15.16 5.59 21.46
C VAL A 330 -16.47 6.18 22.07
N PRO A 331 -16.39 7.29 22.81
CA PRO A 331 -17.63 8.01 23.30
C PRO A 331 -18.51 8.46 22.21
N TRP A 332 -17.92 8.89 21.11
CA TRP A 332 -18.67 9.28 19.95
C TRP A 332 -19.47 8.06 19.37
N LEU A 333 -18.81 6.92 19.32
CA LEU A 333 -19.41 5.71 18.80
C LEU A 333 -20.49 5.25 19.79
N VAL A 334 -20.28 5.46 21.08
CA VAL A 334 -21.42 5.23 22.02
C VAL A 334 -22.63 6.11 21.71
N GLU A 335 -22.40 7.42 21.47
CA GLU A 335 -23.49 8.29 21.06
C GLU A 335 -24.17 7.79 19.85
N LYS A 336 -23.42 7.34 18.82
CA LYS A 336 -24.08 6.93 17.57
C LYS A 336 -24.98 5.73 17.79
N TYR A 337 -24.56 4.84 18.70
CA TYR A 337 -25.29 3.63 19.10
C TYR A 337 -26.55 3.97 19.90
N MET A 338 -26.41 4.91 20.85
CA MET A 338 -27.54 5.46 21.57
C MET A 338 -28.54 6.13 20.63
N ASN A 339 -28.06 6.69 19.52
N ASN A 339 -28.07 6.72 19.54
CA ASN A 339 -28.96 7.34 18.57
CA ASN A 339 -28.96 7.37 18.57
C ASN A 339 -29.44 6.44 17.44
C ASN A 339 -29.41 6.45 17.42
N LYS A 340 -29.13 5.15 17.57
CA LYS A 340 -29.54 4.13 16.58
C LYS A 340 -28.93 4.30 15.22
N GLU A 341 -27.73 4.85 15.16
CA GLU A 341 -27.03 4.99 13.88
C GLU A 341 -25.95 3.93 13.63
N ILE A 342 -25.49 3.23 14.66
CA ILE A 342 -24.74 2.02 14.38
C ILE A 342 -25.39 0.87 15.20
N LYS A 343 -25.16 -0.34 14.72
CA LYS A 343 -25.54 -1.52 15.47
C LYS A 343 -24.47 -1.94 16.42
N VAL A 344 -24.89 -2.44 17.56
CA VAL A 344 -24.01 -3.16 18.43
C VAL A 344 -24.68 -4.49 18.87
N ASP A 345 -25.99 -4.42 19.21
CA ASP A 345 -26.67 -5.55 19.90
C ASP A 345 -26.64 -6.84 19.05
N GLU A 346 -26.79 -6.63 17.75
CA GLU A 346 -26.91 -7.70 16.75
C GLU A 346 -25.64 -8.55 16.67
N TYR A 347 -24.55 -8.08 17.23
CA TYR A 347 -23.29 -8.84 17.19
C TYR A 347 -23.17 -9.77 18.37
N ILE A 348 -24.13 -9.71 19.29
CA ILE A 348 -24.12 -10.49 20.53
C ILE A 348 -25.02 -11.71 20.37
N THR A 349 -24.45 -12.91 20.28
CA THR A 349 -25.24 -14.12 20.14
C THR A 349 -25.37 -14.93 21.45
N HIS A 350 -24.56 -14.61 22.48
CA HIS A 350 -24.60 -15.29 23.75
C HIS A 350 -24.43 -14.35 24.90
N ASN A 351 -25.21 -14.59 25.95
CA ASN A 351 -25.04 -13.84 27.17
C ASN A 351 -24.79 -14.82 28.29
N LEU A 352 -23.64 -14.78 28.91
CA LEU A 352 -23.29 -15.77 29.91
C LEU A 352 -22.76 -15.01 31.07
N THR A 353 -22.11 -15.73 31.94
CA THR A 353 -21.49 -15.16 33.10
C THR A 353 -20.01 -15.51 33.03
N LEU A 354 -19.27 -14.82 33.88
CA LEU A 354 -17.85 -14.98 33.98
C LEU A 354 -17.53 -16.37 34.46
N GLY A 355 -18.38 -16.92 35.33
CA GLY A 355 -18.25 -18.33 35.75
C GLY A 355 -18.17 -19.30 34.59
N GLU A 356 -18.87 -19.00 33.52
CA GLU A 356 -18.96 -19.85 32.37
C GLU A 356 -18.00 -19.44 31.24
N ILE A 357 -16.93 -18.77 31.60
CA ILE A 357 -16.01 -18.28 30.58
C ILE A 357 -15.38 -19.37 29.68
N ASN A 358 -15.26 -20.59 30.20
CA ASN A 358 -14.66 -21.64 29.38
C ASN A 358 -15.57 -22.09 28.30
N LYS A 359 -16.86 -22.06 28.59
CA LYS A 359 -17.90 -22.26 27.56
C LYS A 359 -17.79 -21.25 26.46
N ALA A 360 -17.56 -20.00 26.89
CA ALA A 360 -17.50 -18.89 25.98
C ALA A 360 -16.35 -19.07 24.99
N PHE A 361 -15.23 -19.57 25.47
CA PHE A 361 -14.11 -19.96 24.58
C PHE A 361 -14.49 -21.03 23.56
N ASP A 362 -15.16 -22.10 24.00
CA ASP A 362 -15.63 -23.13 23.05
C ASP A 362 -16.50 -22.52 21.95
N LEU A 363 -17.30 -21.50 22.32
CA LEU A 363 -18.25 -20.89 21.38
C LEU A 363 -17.54 -20.09 20.31
N LEU A 364 -16.30 -19.72 20.57
CA LEU A 364 -15.43 -19.13 19.55
C LEU A 364 -15.33 -19.99 18.28
N HIS A 365 -15.60 -21.31 18.37
CA HIS A 365 -15.60 -22.19 17.17
C HIS A 365 -17.00 -22.65 16.71
N GLU A 366 -18.11 -22.24 17.34
CA GLU A 366 -19.40 -22.49 16.70
C GLU A 366 -19.58 -21.55 15.50
N GLY A 367 -19.83 -22.11 14.32
CA GLY A 367 -20.01 -21.33 13.12
C GLY A 367 -21.10 -20.27 13.20
N THR A 368 -22.14 -20.52 14.01
CA THR A 368 -23.25 -19.60 14.10
C THR A 368 -23.01 -18.51 15.14
N ALA A 369 -21.98 -18.66 15.99
CA ALA A 369 -21.73 -17.76 17.12
C ALA A 369 -21.02 -16.50 16.71
N LEU A 370 -21.27 -15.42 17.46
CA LEU A 370 -20.54 -14.19 17.27
C LEU A 370 -20.05 -13.86 18.64
N ARG A 371 -20.34 -12.67 19.17
CA ARG A 371 -19.76 -12.28 20.44
C ARG A 371 -20.53 -12.94 21.59
N ALA A 372 -19.80 -13.32 22.62
CA ALA A 372 -20.39 -13.68 23.92
C ALA A 372 -20.09 -12.55 24.89
N VAL A 373 -21.12 -12.10 25.59
CA VAL A 373 -20.98 -11.12 26.63
C VAL A 373 -21.20 -11.78 27.97
N LEU A 374 -20.25 -11.55 28.87
CA LEU A 374 -20.22 -12.12 30.19
C LEU A 374 -20.51 -11.12 31.31
N ASP A 375 -21.43 -11.55 32.18
CA ASP A 375 -21.80 -10.77 33.35
C ASP A 375 -20.86 -11.17 34.45
N THR A 376 -20.16 -10.20 34.96
CA THR A 376 -19.10 -10.55 35.85
C THR A 376 -19.60 -10.79 37.28
N SER A 377 -20.84 -10.44 37.61
CA SER A 377 -21.30 -10.65 39.01
C SER A 377 -21.47 -12.16 39.42
N LYS A 378 -21.44 -13.10 38.46
CA LYS A 378 -21.62 -14.53 38.72
C LYS A 378 -20.70 -15.37 37.82
N ALA B 1 10.05 15.23 -50.97
CA ALA B 1 8.63 14.99 -50.64
C ALA B 1 8.44 13.50 -50.42
N THR B 2 8.32 13.13 -49.15
CA THR B 2 8.36 11.73 -48.78
C THR B 2 6.98 11.18 -48.39
N GLN B 3 6.01 12.06 -48.21
CA GLN B 3 4.66 11.67 -47.96
C GLN B 3 4.23 10.63 -48.98
N GLY B 4 3.48 9.66 -48.51
CA GLY B 4 2.90 8.65 -49.33
C GLY B 4 3.83 7.50 -49.73
N GLN B 5 5.13 7.68 -49.52
CA GLN B 5 6.16 6.70 -49.96
C GLN B 5 6.69 5.87 -48.78
N VAL B 6 7.14 4.64 -49.05
CA VAL B 6 8.04 3.89 -48.18
C VAL B 6 9.34 4.70 -48.10
N ILE B 7 9.88 4.82 -46.90
CA ILE B 7 11.18 5.45 -46.68
C ILE B 7 12.19 4.37 -46.36
N THR B 8 13.43 4.55 -46.85
CA THR B 8 14.49 3.68 -46.53
C THR B 8 15.41 4.47 -45.70
N CYS B 9 15.70 3.95 -44.48
CA CYS B 9 16.52 4.67 -43.49
C CYS B 9 17.31 3.71 -42.62
N LYS B 10 18.18 4.27 -41.79
CA LYS B 10 19.01 3.45 -40.91
C LYS B 10 18.16 3.13 -39.68
N ALA B 11 18.32 1.89 -39.18
CA ALA B 11 17.71 1.48 -37.93
C ALA B 11 18.57 0.42 -37.33
N ALA B 12 18.53 0.33 -36.01
CA ALA B 12 19.22 -0.77 -35.30
C ALA B 12 18.25 -1.91 -35.00
N VAL B 13 18.48 -3.05 -35.66
CA VAL B 13 17.60 -4.21 -35.60
C VAL B 13 18.15 -5.30 -34.67
N ALA B 14 17.31 -5.73 -33.76
CA ALA B 14 17.65 -6.87 -32.89
C ALA B 14 17.07 -8.16 -33.54
N TYR B 15 17.94 -8.99 -34.12
CA TYR B 15 17.49 -10.23 -34.78
C TYR B 15 17.15 -11.35 -33.86
N GLU B 16 17.83 -11.43 -32.74
CA GLU B 16 17.51 -12.44 -31.74
C GLU B 16 18.10 -11.91 -30.47
N PRO B 17 17.78 -12.51 -29.35
CA PRO B 17 18.24 -12.00 -28.08
C PRO B 17 19.72 -12.07 -27.96
N ASN B 18 20.23 -11.28 -27.06
CA ASN B 18 21.65 -11.18 -26.75
C ASN B 18 22.68 -10.91 -27.84
N LYS B 19 22.35 -10.86 -29.12
CA LYS B 19 23.35 -10.60 -30.14
C LYS B 19 23.51 -9.11 -30.36
N PRO B 20 24.63 -8.66 -30.87
CA PRO B 20 24.76 -7.18 -31.07
C PRO B 20 23.73 -6.72 -32.04
N LEU B 21 23.13 -5.55 -31.81
CA LEU B 21 22.15 -5.00 -32.75
C LEU B 21 22.87 -4.73 -34.06
N VAL B 22 22.15 -4.86 -35.15
CA VAL B 22 22.67 -4.63 -36.50
C VAL B 22 22.04 -3.36 -37.07
N ILE B 23 22.92 -2.44 -37.49
CA ILE B 23 22.54 -1.18 -38.16
C ILE B 23 22.33 -1.46 -39.61
N GLU B 24 21.09 -1.53 -40.02
CA GLU B 24 20.68 -1.91 -41.39
C GLU B 24 19.94 -0.74 -42.01
N ASP B 25 19.88 -0.72 -43.33
CA ASP B 25 18.85 0.01 -44.03
C ASP B 25 17.59 -0.81 -43.88
N VAL B 26 16.51 -0.16 -43.49
CA VAL B 26 15.21 -0.80 -43.43
C VAL B 26 14.19 0.07 -44.16
N GLN B 27 13.03 -0.51 -44.51
CA GLN B 27 11.95 0.16 -45.13
C GLN B 27 10.90 0.44 -44.08
N VAL B 28 10.40 1.68 -44.08
CA VAL B 28 9.41 2.13 -43.17
C VAL B 28 8.24 2.57 -43.98
N ALA B 29 7.16 1.83 -43.88
CA ALA B 29 6.02 2.11 -44.70
C ALA B 29 5.33 3.39 -44.27
N PRO B 30 4.50 3.96 -45.16
CA PRO B 30 3.69 5.10 -44.78
C PRO B 30 2.65 4.79 -43.73
N PRO B 31 2.26 5.81 -42.97
CA PRO B 31 1.20 5.73 -41.99
C PRO B 31 -0.16 5.48 -42.59
N GLN B 32 -0.89 4.58 -41.97
CA GLN B 32 -2.28 4.29 -42.28
C GLN B 32 -3.15 5.05 -41.29
N ALA B 33 -4.43 4.74 -41.26
CA ALA B 33 -5.35 5.48 -40.43
C ALA B 33 -4.99 5.43 -38.95
N GLY B 34 -5.17 6.59 -38.31
CA GLY B 34 -4.82 6.77 -36.93
C GLY B 34 -3.33 6.74 -36.64
N GLU B 35 -2.43 6.91 -37.64
CA GLU B 35 -1.00 6.69 -37.42
C GLU B 35 -0.15 7.91 -37.73
N VAL B 36 1.06 7.94 -37.19
CA VAL B 36 1.97 9.11 -37.39
C VAL B 36 3.33 8.59 -37.67
N ARG B 37 3.96 9.06 -38.76
CA ARG B 37 5.29 8.69 -39.06
C ARG B 37 6.17 9.83 -38.63
N ILE B 38 7.18 9.49 -37.87
CA ILE B 38 8.07 10.42 -37.20
C ILE B 38 9.46 10.22 -37.59
N LYS B 39 10.13 11.35 -37.82
CA LYS B 39 11.54 11.42 -38.05
C LYS B 39 12.17 11.57 -36.69
N ILE B 40 12.80 10.47 -36.21
CA ILE B 40 13.36 10.49 -34.87
C ILE B 40 14.76 11.10 -34.99
N LEU B 41 15.03 12.15 -34.26
CA LEU B 41 16.35 12.77 -34.33
C LEU B 41 17.26 12.29 -33.24
N TYR B 42 16.72 11.97 -32.03
CA TYR B 42 17.48 11.57 -30.89
C TYR B 42 16.63 10.52 -30.12
N THR B 43 17.32 9.46 -29.68
CA THR B 43 16.72 8.37 -28.91
C THR B 43 17.71 8.03 -27.81
N ALA B 44 17.17 7.79 -26.60
CA ALA B 44 18.00 7.31 -25.52
C ALA B 44 17.59 5.85 -25.34
N LEU B 45 18.16 5.27 -24.32
CA LEU B 45 17.88 3.87 -24.03
C LEU B 45 17.96 3.66 -22.52
N CYS B 46 17.23 2.67 -22.01
CA CYS B 46 17.31 2.32 -20.56
C CYS B 46 17.13 0.83 -20.38
N HIS B 47 16.97 0.43 -19.13
CA HIS B 47 16.82 -1.00 -18.77
C HIS B 47 15.66 -1.65 -19.45
N THR B 48 14.64 -0.87 -19.76
CA THR B 48 13.49 -1.50 -20.38
C THR B 48 13.82 -2.08 -21.77
N ASP B 49 14.66 -1.36 -22.52
CA ASP B 49 15.07 -1.90 -23.82
C ASP B 49 15.94 -3.16 -23.63
N ALA B 50 16.86 -3.08 -22.67
CA ALA B 50 17.83 -4.17 -22.41
C ALA B 50 17.13 -5.44 -21.89
N TYR B 51 16.14 -5.24 -21.03
CA TYR B 51 15.29 -6.33 -20.62
C TYR B 51 14.84 -7.22 -21.79
N THR B 52 14.29 -6.66 -22.87
CA THR B 52 13.87 -7.46 -23.98
C THR B 52 15.08 -7.89 -24.82
N TRP B 53 16.07 -7.03 -24.97
CA TRP B 53 17.19 -7.36 -25.84
C TRP B 53 17.87 -8.64 -25.29
N SER B 54 18.03 -8.72 -23.96
CA SER B 54 18.81 -9.80 -23.30
C SER B 54 18.04 -11.12 -23.23
N GLY B 55 16.79 -11.10 -23.64
CA GLY B 55 15.97 -12.26 -23.66
C GLY B 55 15.25 -12.46 -22.35
N LYS B 56 15.45 -11.56 -21.36
CA LYS B 56 14.86 -11.70 -20.00
C LYS B 56 13.35 -11.69 -20.06
N ASP B 57 12.78 -11.44 -21.23
CA ASP B 57 11.36 -11.60 -21.42
C ASP B 57 11.16 -12.85 -22.26
N PRO B 58 10.75 -13.96 -21.60
CA PRO B 58 10.60 -15.18 -22.39
C PRO B 58 9.63 -15.04 -23.57
N GLU B 59 8.75 -14.03 -23.54
CA GLU B 59 7.80 -13.72 -24.66
C GLU B 59 8.31 -12.75 -25.80
N GLY B 60 9.40 -12.00 -25.57
CA GLY B 60 9.94 -11.05 -26.56
C GLY B 60 9.93 -11.49 -28.00
N LEU B 61 9.57 -10.58 -28.92
CA LEU B 61 9.41 -10.92 -30.30
C LEU B 61 10.58 -10.41 -31.18
N PHE B 62 11.13 -11.30 -32.00
CA PHE B 62 12.27 -11.00 -32.86
C PHE B 62 11.92 -11.41 -34.28
N PRO B 63 12.50 -10.76 -35.26
CA PRO B 63 13.37 -9.57 -35.16
C PRO B 63 12.56 -8.31 -34.79
N CYS B 64 13.17 -7.34 -34.10
CA CYS B 64 12.46 -6.09 -33.75
C CYS B 64 13.34 -4.88 -33.68
N ILE B 65 12.69 -3.72 -33.78
CA ILE B 65 13.38 -2.46 -33.51
C ILE B 65 12.95 -1.97 -32.12
N LEU B 66 13.90 -1.91 -31.20
CA LEU B 66 13.65 -1.45 -29.88
C LEU B 66 13.70 0.09 -29.82
N GLY B 67 13.66 0.58 -28.60
CA GLY B 67 13.69 2.01 -28.29
C GLY B 67 12.34 2.57 -27.99
N HIS B 68 12.30 3.31 -26.91
CA HIS B 68 11.04 3.92 -26.51
C HIS B 68 11.23 5.37 -25.99
N GLU B 69 12.45 5.89 -25.83
CA GLU B 69 12.71 7.23 -25.34
C GLU B 69 13.29 8.05 -26.51
N ALA B 70 12.54 9.06 -26.98
CA ALA B 70 12.94 9.71 -28.19
C ALA B 70 12.15 10.96 -28.46
N ALA B 71 12.68 11.75 -29.40
CA ALA B 71 12.00 12.95 -29.82
C ALA B 71 12.34 13.23 -31.25
N GLY B 72 11.40 13.84 -31.94
CA GLY B 72 11.59 14.02 -33.36
C GLY B 72 10.52 14.93 -33.94
N ILE B 73 10.37 14.83 -35.25
CA ILE B 73 9.56 15.78 -36.03
C ILE B 73 8.67 14.96 -36.94
N VAL B 74 7.39 15.25 -36.92
CA VAL B 74 6.46 14.47 -37.67
C VAL B 74 6.71 14.69 -39.15
N GLU B 75 6.78 13.60 -39.92
CA GLU B 75 7.02 13.64 -41.35
C GLU B 75 5.69 13.48 -42.05
N SER B 76 4.80 12.66 -41.52
CA SER B 76 3.49 12.60 -42.14
C SER B 76 2.51 11.95 -41.20
N VAL B 77 1.23 12.08 -41.49
CA VAL B 77 0.21 11.40 -40.71
C VAL B 77 -0.79 10.67 -41.57
N GLY B 78 -1.53 9.75 -41.00
CA GLY B 78 -2.52 9.01 -41.76
C GLY B 78 -3.88 9.62 -41.61
N GLU B 79 -4.89 8.89 -42.12
CA GLU B 79 -6.26 9.39 -42.28
C GLU B 79 -6.84 9.55 -40.91
N GLY B 80 -7.59 10.63 -40.72
CA GLY B 80 -8.36 10.79 -39.52
C GLY B 80 -7.53 11.40 -38.42
N VAL B 81 -6.26 11.71 -38.69
CA VAL B 81 -5.34 12.22 -37.65
C VAL B 81 -5.36 13.76 -37.66
N THR B 82 -5.75 14.30 -36.49
CA THR B 82 -6.00 15.75 -36.28
C THR B 82 -5.05 16.48 -35.31
N GLU B 83 -4.61 15.81 -34.22
CA GLU B 83 -3.88 16.45 -33.12
C GLU B 83 -2.41 16.79 -33.44
N VAL B 84 -1.84 16.12 -34.44
CA VAL B 84 -0.56 16.53 -34.95
C VAL B 84 -0.57 16.52 -36.45
N GLN B 85 0.44 17.15 -37.04
CA GLN B 85 0.60 17.18 -38.49
C GLN B 85 2.05 17.36 -38.77
N ALA B 86 2.40 17.21 -40.03
CA ALA B 86 3.77 17.30 -40.46
C ALA B 86 4.45 18.53 -39.93
N GLY B 87 5.73 18.43 -39.64
CA GLY B 87 6.45 19.55 -39.02
C GLY B 87 6.33 19.70 -37.50
N ASP B 88 5.30 19.15 -36.86
CA ASP B 88 5.19 19.26 -35.37
C ASP B 88 6.33 18.50 -34.69
N HIS B 89 6.87 19.09 -33.63
CA HIS B 89 7.81 18.41 -32.78
C HIS B 89 7.07 17.53 -31.77
N VAL B 90 7.52 16.28 -31.61
CA VAL B 90 6.80 15.33 -30.79
C VAL B 90 7.72 14.40 -29.99
N ILE B 91 7.12 13.79 -28.95
CA ILE B 91 7.74 12.73 -28.11
C ILE B 91 6.76 11.57 -28.19
N PRO B 92 7.20 10.45 -28.76
CA PRO B 92 6.32 9.25 -28.82
C PRO B 92 6.41 8.64 -27.46
N CYS B 93 5.26 8.27 -26.91
CA CYS B 93 5.16 7.72 -25.58
C CYS B 93 4.72 6.24 -25.61
N TYR B 94 5.43 5.41 -24.88
CA TYR B 94 5.01 4.01 -24.71
C TYR B 94 3.66 3.91 -23.93
N GLN B 95 3.35 4.91 -23.10
CA GLN B 95 2.04 4.97 -22.39
C GLN B 95 1.08 5.78 -23.29
N ALA B 96 -0.01 5.16 -23.73
CA ALA B 96 -0.95 5.82 -24.59
C ALA B 96 -1.89 6.68 -23.73
N GLU B 97 -2.52 7.66 -24.36
CA GLU B 97 -3.59 8.37 -23.67
C GLU B 97 -4.72 8.61 -24.70
N CYS B 98 -5.69 7.68 -24.77
CA CYS B 98 -6.74 7.74 -25.79
C CYS B 98 -7.87 8.71 -25.42
N ARG B 99 -8.01 8.93 -24.11
CA ARG B 99 -9.03 9.82 -23.47
C ARG B 99 -10.48 9.29 -23.51
N GLU B 100 -10.68 8.09 -24.08
CA GLU B 100 -12.04 7.57 -24.43
C GLU B 100 -12.40 6.21 -23.80
N CYS B 101 -11.43 5.53 -23.17
CA CYS B 101 -11.67 4.19 -22.59
C CYS B 101 -11.98 4.26 -21.09
N LYS B 102 -12.44 3.14 -20.54
CA LYS B 102 -12.77 2.98 -19.13
C LYS B 102 -11.72 3.62 -18.19
N PHE B 103 -10.46 3.32 -18.46
CA PHE B 103 -9.38 3.78 -17.59
C PHE B 103 -9.06 5.29 -17.74
N CYS B 104 -9.01 5.75 -18.99
CA CYS B 104 -8.78 7.17 -19.27
C CYS B 104 -9.89 8.01 -18.60
N LYS B 105 -11.14 7.52 -18.70
CA LYS B 105 -12.31 8.27 -18.20
C LYS B 105 -12.53 8.17 -16.68
N SER B 106 -11.80 7.29 -16.00
CA SER B 106 -12.01 7.09 -14.55
C SER B 106 -11.52 8.28 -13.69
N GLY B 107 -10.45 8.94 -14.15
CA GLY B 107 -9.82 10.05 -13.43
C GLY B 107 -8.94 9.56 -12.28
N LYS B 108 -8.95 8.24 -12.04
CA LYS B 108 -8.33 7.63 -10.86
C LYS B 108 -7.04 6.86 -11.27
N THR B 109 -6.59 7.06 -12.51
CA THR B 109 -5.39 6.44 -13.04
C THR B 109 -4.97 7.05 -14.41
N ASN B 110 -3.72 6.74 -14.81
CA ASN B 110 -3.11 7.15 -16.09
C ASN B 110 -2.97 5.99 -17.17
N LEU B 111 -3.36 4.75 -16.85
CA LEU B 111 -3.06 3.55 -17.71
C LEU B 111 -4.15 3.09 -18.70
N CYS B 112 -3.89 3.38 -19.97
CA CYS B 112 -4.89 3.31 -21.02
C CYS B 112 -4.92 1.95 -21.73
N GLY B 113 -6.09 1.34 -21.83
CA GLY B 113 -6.19 0.05 -22.53
C GLY B 113 -5.87 0.07 -24.03
N LYS B 114 -6.04 1.22 -24.67
CA LYS B 114 -6.61 1.31 -26.00
C LYS B 114 -5.99 0.52 -27.17
N VAL B 115 -4.68 0.48 -27.23
CA VAL B 115 -4.02 0.06 -28.47
C VAL B 115 -3.06 -1.12 -28.18
N ARG B 116 -3.19 -1.64 -26.97
CA ARG B 116 -2.25 -2.58 -26.43
C ARG B 116 -2.31 -3.88 -27.16
N SER B 117 -3.40 -4.19 -27.83
CA SER B 117 -3.51 -5.50 -28.40
C SER B 117 -2.60 -5.59 -29.63
N ALA B 118 -2.41 -4.47 -30.32
CA ALA B 118 -1.45 -4.43 -31.41
C ALA B 118 -0.04 -4.16 -30.89
N THR B 119 0.15 -3.16 -30.02
CA THR B 119 1.53 -2.80 -29.63
C THR B 119 2.16 -3.91 -28.86
N GLY B 120 1.33 -4.67 -28.13
CA GLY B 120 1.86 -5.72 -27.34
C GLY B 120 2.48 -6.83 -28.15
N VAL B 121 2.13 -6.96 -29.43
CA VAL B 121 2.66 -8.01 -30.28
C VAL B 121 3.34 -7.44 -31.53
N GLY B 122 3.91 -6.25 -31.38
CA GLY B 122 4.78 -5.60 -32.35
C GLY B 122 4.22 -5.20 -33.68
N ILE B 123 2.92 -4.89 -33.67
CA ILE B 123 2.20 -4.52 -34.89
C ILE B 123 1.35 -3.28 -34.67
N MET B 124 0.80 -2.80 -35.76
CA MET B 124 -0.16 -1.67 -35.79
C MET B 124 -1.62 -2.15 -35.75
N MET B 125 -2.48 -1.47 -35.00
CA MET B 125 -3.92 -1.78 -34.96
C MET B 125 -4.59 -1.76 -36.34
N ASN B 126 -4.23 -0.85 -37.23
CA ASN B 126 -5.10 -0.62 -38.36
C ASN B 126 -5.24 -1.91 -39.20
N ASP B 127 -4.13 -2.58 -39.52
CA ASP B 127 -4.11 -3.81 -40.31
C ASP B 127 -3.37 -4.97 -39.67
N ARG B 128 -3.05 -4.86 -38.40
CA ARG B 128 -2.28 -5.85 -37.69
C ARG B 128 -1.01 -6.36 -38.39
N LYS B 129 -0.33 -5.45 -39.08
CA LYS B 129 0.99 -5.69 -39.67
C LYS B 129 2.01 -4.67 -39.16
N SER B 130 3.29 -4.92 -39.40
CA SER B 130 4.33 -4.02 -39.03
C SER B 130 4.63 -3.07 -40.22
N ARG B 131 4.97 -1.85 -39.88
CA ARG B 131 5.42 -0.90 -40.84
C ARG B 131 6.93 -1.03 -41.16
N PHE B 132 7.64 -1.97 -40.54
CA PHE B 132 9.07 -2.12 -40.82
C PHE B 132 9.34 -3.44 -41.49
N SER B 133 10.32 -3.37 -42.39
CA SER B 133 10.88 -4.59 -42.99
C SER B 133 12.29 -4.41 -43.54
N VAL B 134 13.03 -5.51 -43.71
CA VAL B 134 14.40 -5.51 -44.27
C VAL B 134 14.40 -6.56 -45.44
N ASN B 135 14.66 -6.11 -46.66
CA ASN B 135 14.66 -6.98 -47.85
C ASN B 135 13.32 -7.74 -48.03
N GLY B 136 12.23 -7.13 -47.57
CA GLY B 136 10.90 -7.77 -47.59
C GLY B 136 10.53 -8.61 -46.38
N LYS B 137 11.46 -8.84 -45.44
CA LYS B 137 11.15 -9.58 -44.22
C LYS B 137 10.64 -8.60 -43.15
N PRO B 138 9.50 -8.90 -42.50
CA PRO B 138 8.91 -8.04 -41.45
C PRO B 138 9.81 -7.87 -40.23
N ILE B 139 9.84 -6.69 -39.66
CA ILE B 139 10.54 -6.49 -38.41
C ILE B 139 9.47 -5.93 -37.46
N TYR B 140 9.36 -6.52 -36.28
CA TYR B 140 8.38 -6.12 -35.32
C TYR B 140 8.68 -4.75 -34.69
N HIS B 141 7.61 -4.05 -34.37
CA HIS B 141 7.66 -2.87 -33.49
C HIS B 141 7.90 -3.30 -32.03
N PHE B 142 8.28 -2.38 -31.17
CA PHE B 142 8.42 -2.61 -29.74
C PHE B 142 7.81 -1.45 -28.98
N MET B 143 6.99 -1.77 -27.97
CA MET B 143 6.37 -0.83 -27.01
C MET B 143 5.58 0.25 -27.67
N GLY B 144 5.20 0.00 -28.91
CA GLY B 144 4.47 0.93 -29.68
C GLY B 144 5.31 2.07 -30.22
N THR B 145 6.62 2.03 -30.01
CA THR B 145 7.44 3.21 -30.31
C THR B 145 8.54 2.94 -31.31
N SER B 146 9.36 1.92 -31.10
CA SER B 146 10.46 1.58 -32.04
C SER B 146 11.31 2.74 -32.46
N THR B 147 11.96 3.36 -31.47
CA THR B 147 12.72 4.61 -31.71
C THR B 147 14.18 4.47 -32.06
N PHE B 148 14.70 3.24 -32.18
CA PHE B 148 16.10 2.95 -32.59
C PHE B 148 16.29 2.98 -34.13
N SER B 149 15.70 4.02 -34.73
CA SER B 149 15.48 4.13 -36.17
C SER B 149 15.45 5.63 -36.51
N GLN B 150 15.86 5.99 -37.72
CA GLN B 150 15.70 7.39 -38.20
C GLN B 150 14.21 7.73 -38.39
N TYR B 151 13.42 6.75 -38.76
CA TYR B 151 11.97 6.95 -38.82
C TYR B 151 11.24 5.82 -38.11
N THR B 152 10.11 6.18 -37.49
CA THR B 152 9.24 5.18 -36.93
C THR B 152 7.83 5.54 -37.24
N VAL B 153 6.94 4.59 -37.03
CA VAL B 153 5.52 4.86 -37.23
C VAL B 153 4.82 4.43 -35.96
N VAL B 154 3.98 5.32 -35.39
CA VAL B 154 3.28 5.03 -34.12
C VAL B 154 1.83 5.36 -34.17
N HIS B 155 1.08 4.85 -33.21
CA HIS B 155 -0.34 5.27 -33.11
C HIS B 155 -0.50 6.68 -32.60
N ASP B 156 -1.44 7.41 -33.16
CA ASP B 156 -1.67 8.81 -32.73
C ASP B 156 -1.97 9.05 -31.25
N VAL B 157 -2.54 8.07 -30.58
CA VAL B 157 -2.80 8.23 -29.16
C VAL B 157 -1.52 8.10 -28.25
N SER B 158 -0.38 7.80 -28.89
CA SER B 158 0.93 7.67 -28.25
C SER B 158 1.88 8.83 -28.55
N VAL B 159 1.37 9.87 -29.18
CA VAL B 159 2.18 10.95 -29.65
C VAL B 159 1.87 12.23 -28.87
N ALA B 160 2.85 12.72 -28.12
CA ALA B 160 2.75 14.04 -27.49
C ALA B 160 3.38 15.19 -28.32
N LYS B 161 2.58 16.24 -28.54
CA LYS B 161 3.01 17.42 -29.29
C LYS B 161 3.61 18.45 -28.34
N ILE B 162 4.83 18.90 -28.61
CA ILE B 162 5.61 19.69 -27.66
C ILE B 162 6.10 20.97 -28.32
N ASP B 163 6.56 21.89 -27.50
CA ASP B 163 7.26 23.11 -27.90
C ASP B 163 8.31 22.88 -28.98
N PRO B 164 8.09 23.52 -30.15
CA PRO B 164 9.04 23.30 -31.25
C PRO B 164 10.42 23.88 -30.99
N THR B 165 10.58 24.72 -29.98
CA THR B 165 11.95 25.26 -29.70
C THR B 165 12.74 24.42 -28.72
N ALA B 166 12.10 23.45 -28.08
CA ALA B 166 12.87 22.62 -27.13
C ALA B 166 13.91 21.79 -27.82
N PRO B 167 15.12 21.68 -27.25
CA PRO B 167 16.19 20.89 -27.84
C PRO B 167 15.77 19.41 -27.88
N LEU B 168 15.69 18.84 -29.07
CA LEU B 168 15.32 17.43 -29.20
C LEU B 168 16.28 16.40 -28.58
N ASP B 169 17.53 16.78 -28.38
CA ASP B 169 18.51 15.89 -27.84
C ASP B 169 18.52 15.93 -26.32
N LYS B 170 17.62 16.72 -25.75
CA LYS B 170 17.39 16.75 -24.32
C LYS B 170 16.00 16.21 -23.96
N VAL B 171 14.97 16.71 -24.60
CA VAL B 171 13.61 16.30 -24.23
C VAL B 171 13.26 14.83 -24.58
N CYS B 172 14.12 14.16 -25.35
CA CYS B 172 13.89 12.76 -25.62
C CYS B 172 13.83 11.94 -24.28
N LEU B 173 14.39 12.44 -23.19
CA LEU B 173 14.21 11.82 -21.87
C LEU B 173 12.82 11.94 -21.22
N LEU B 174 11.95 12.80 -21.75
CA LEU B 174 10.76 13.13 -20.99
C LEU B 174 9.64 12.16 -21.32
N GLY B 175 9.97 11.04 -21.96
CA GLY B 175 8.96 10.02 -22.31
C GLY B 175 9.09 8.78 -21.40
N CYS B 176 10.02 8.79 -20.46
CA CYS B 176 10.25 7.62 -19.57
C CYS B 176 10.77 7.97 -18.17
N GLY B 177 12.06 7.99 -18.01
CA GLY B 177 12.63 8.02 -16.71
C GLY B 177 12.35 9.21 -15.84
N VAL B 178 12.47 10.40 -16.40
CA VAL B 178 12.40 11.61 -15.62
C VAL B 178 10.97 11.86 -15.15
N PRO B 179 9.96 11.71 -16.03
CA PRO B 179 8.62 11.85 -15.52
C PRO B 179 8.23 10.78 -14.48
N THR B 180 8.76 9.57 -14.62
CA THR B 180 8.40 8.52 -13.71
C THR B 180 8.83 8.91 -12.29
N GLY B 181 10.03 9.39 -12.19
CA GLY B 181 10.58 9.78 -10.88
C GLY B 181 9.93 11.02 -10.34
N LEU B 182 9.80 12.09 -11.15
CA LEU B 182 9.17 13.28 -10.63
C LEU B 182 7.73 13.02 -10.17
N GLY B 183 6.98 12.27 -10.99
CA GLY B 183 5.57 11.98 -10.75
C GLY B 183 5.29 11.07 -9.56
N ALA B 184 6.24 10.14 -9.34
CA ALA B 184 6.28 9.29 -8.14
C ALA B 184 6.11 10.09 -6.85
N VAL B 185 6.76 11.25 -6.86
CA VAL B 185 6.72 12.22 -5.78
C VAL B 185 5.46 13.01 -5.83
N TRP B 186 5.24 13.69 -6.93
CA TRP B 186 4.23 14.72 -6.97
C TRP B 186 2.84 14.13 -7.13
N ASN B 187 2.72 13.01 -7.80
CA ASN B 187 1.38 12.46 -8.14
C ASN B 187 1.04 11.24 -7.26
N THR B 188 1.98 10.28 -7.15
CA THR B 188 1.69 9.01 -6.48
C THR B 188 1.78 9.20 -4.98
N ALA B 189 2.91 9.74 -4.51
CA ALA B 189 3.11 9.90 -3.05
C ALA B 189 2.50 11.19 -2.55
N LYS B 190 2.57 12.22 -3.39
CA LYS B 190 2.16 13.59 -2.98
C LYS B 190 2.88 14.07 -1.75
N VAL B 191 4.18 14.13 -1.90
CA VAL B 191 5.03 14.49 -0.84
C VAL B 191 4.84 15.95 -0.37
N GLU B 192 4.64 16.14 0.93
CA GLU B 192 4.50 17.47 1.49
C GLU B 192 5.80 18.14 1.90
N PRO B 193 5.79 19.48 1.91
CA PRO B 193 6.95 20.24 2.43
C PRO B 193 7.26 19.82 3.85
N GLY B 194 8.55 19.65 4.14
CA GLY B 194 9.00 19.11 5.44
C GLY B 194 9.13 17.60 5.61
N SER B 195 8.69 16.83 4.64
CA SER B 195 8.77 15.40 4.67
C SER B 195 10.20 14.90 4.61
N ASN B 196 10.38 13.71 5.16
CA ASN B 196 11.71 13.06 5.11
C ASN B 196 11.55 11.89 4.18
N VAL B 197 12.42 11.78 3.18
CA VAL B 197 12.27 10.71 2.20
C VAL B 197 13.55 9.88 2.09
N ALA B 198 13.41 8.60 1.76
CA ALA B 198 14.54 7.74 1.44
C ALA B 198 14.39 7.35 0.01
N ILE B 199 15.48 7.34 -0.73
CA ILE B 199 15.45 7.00 -2.14
C ILE B 199 16.49 5.89 -2.40
N PHE B 200 16.00 4.74 -2.83
CA PHE B 200 16.80 3.49 -3.02
C PHE B 200 17.14 3.35 -4.50
N GLY B 201 18.39 3.66 -4.84
CA GLY B 201 18.83 3.61 -6.26
C GLY B 201 19.05 5.02 -6.77
N LEU B 202 20.29 5.39 -6.98
CA LEU B 202 20.56 6.74 -7.48
C LEU B 202 21.02 6.79 -8.95
N GLY B 203 20.29 6.11 -9.81
CA GLY B 203 20.46 6.24 -11.29
C GLY B 203 19.51 7.32 -11.71
N THR B 204 19.11 7.28 -12.97
CA THR B 204 18.29 8.33 -13.51
C THR B 204 16.99 8.54 -12.74
N VAL B 205 16.25 7.48 -12.54
CA VAL B 205 14.95 7.48 -11.86
C VAL B 205 15.05 7.98 -10.44
N GLY B 206 16.01 7.49 -9.69
CA GLY B 206 16.22 7.94 -8.32
C GLY B 206 16.59 9.43 -8.23
N LEU B 207 17.42 9.87 -9.15
CA LEU B 207 17.76 11.25 -9.20
C LEU B 207 16.59 12.15 -9.53
N ALA B 208 15.73 11.69 -10.43
CA ALA B 208 14.44 12.31 -10.74
C ALA B 208 13.48 12.35 -9.53
N VAL B 209 13.47 11.25 -8.72
CA VAL B 209 12.74 11.28 -7.49
C VAL B 209 13.36 12.33 -6.54
N ALA B 210 14.71 12.42 -6.47
CA ALA B 210 15.30 13.42 -5.61
C ALA B 210 14.92 14.88 -5.99
N GLU B 211 15.04 15.21 -7.27
CA GLU B 211 14.60 16.52 -7.74
C GLU B 211 13.13 16.75 -7.43
N GLY B 212 12.32 15.73 -7.68
CA GLY B 212 10.90 15.75 -7.34
C GLY B 212 10.69 16.17 -5.88
N ALA B 213 11.41 15.49 -5.01
CA ALA B 213 11.34 15.73 -3.58
C ALA B 213 11.85 17.04 -3.13
N LYS B 214 13.01 17.47 -3.66
CA LYS B 214 13.54 18.80 -3.39
C LYS B 214 12.52 19.86 -3.81
N THR B 215 11.96 19.69 -4.99
CA THR B 215 11.00 20.68 -5.57
C THR B 215 9.72 20.77 -4.71
N ALA B 216 9.30 19.62 -4.19
CA ALA B 216 8.15 19.55 -3.34
C ALA B 216 8.37 20.09 -1.89
N GLY B 217 9.64 20.36 -1.52
CA GLY B 217 9.87 20.86 -0.21
C GLY B 217 10.36 19.87 0.81
N ALA B 218 10.80 18.70 0.40
CA ALA B 218 11.22 17.72 1.40
C ALA B 218 12.47 18.21 2.21
N SER B 219 12.62 17.71 3.43
CA SER B 219 13.72 18.15 4.27
C SER B 219 14.88 17.16 4.12
N ARG B 220 14.84 16.02 4.79
CA ARG B 220 15.87 14.98 4.61
C ARG B 220 15.57 14.19 3.36
N ILE B 221 16.53 14.09 2.44
CA ILE B 221 16.41 13.36 1.18
C ILE B 221 17.65 12.40 1.21
N ILE B 222 17.39 11.23 1.75
CA ILE B 222 18.40 10.21 2.00
C ILE B 222 18.47 9.26 0.87
N GLY B 223 19.66 9.22 0.27
CA GLY B 223 19.91 8.35 -0.88
C GLY B 223 20.61 7.09 -0.43
N ILE B 224 20.18 5.98 -0.96
CA ILE B 224 20.81 4.70 -0.71
C ILE B 224 21.25 4.04 -2.01
N ASP B 225 22.55 3.74 -2.11
CA ASP B 225 23.06 3.04 -3.23
C ASP B 225 24.25 2.15 -2.81
N ILE B 226 24.38 1.07 -3.53
CA ILE B 226 25.53 0.18 -3.27
C ILE B 226 26.86 0.68 -3.81
N ASP B 227 26.80 1.66 -4.71
CA ASP B 227 27.99 2.32 -5.28
C ASP B 227 28.12 3.69 -4.70
N SER B 228 29.07 3.85 -3.79
CA SER B 228 29.26 5.12 -3.08
C SER B 228 29.69 6.30 -3.97
N LYS B 229 30.19 6.04 -5.15
CA LYS B 229 30.51 7.13 -6.07
C LYS B 229 29.30 7.93 -6.55
N LYS B 230 28.12 7.29 -6.57
CA LYS B 230 26.87 7.90 -7.05
C LYS B 230 26.34 9.10 -6.24
N TYR B 231 26.77 9.24 -5.00
CA TYR B 231 26.32 10.31 -4.14
C TYR B 231 26.79 11.68 -4.63
N GLU B 232 28.02 11.73 -5.11
CA GLU B 232 28.55 13.02 -5.49
C GLU B 232 27.59 13.66 -6.54
N THR B 233 27.18 12.88 -7.52
CA THR B 233 26.32 13.40 -8.55
C THR B 233 24.94 13.67 -8.00
N ALA B 234 24.49 12.80 -7.10
CA ALA B 234 23.15 12.90 -6.57
C ALA B 234 22.93 14.20 -5.79
N LYS B 235 23.99 14.78 -5.22
CA LYS B 235 23.85 15.97 -4.41
C LYS B 235 23.20 17.12 -5.20
N LYS B 236 23.53 17.20 -6.48
CA LYS B 236 23.06 18.28 -7.35
C LYS B 236 21.59 18.10 -7.63
N PHE B 237 21.12 16.86 -7.55
CA PHE B 237 19.73 16.57 -7.81
C PHE B 237 18.91 16.73 -6.52
N GLY B 238 19.59 16.88 -5.38
CA GLY B 238 18.90 17.19 -4.08
C GLY B 238 19.09 16.23 -2.92
N VAL B 239 19.74 15.09 -3.19
CA VAL B 239 20.06 14.14 -2.13
C VAL B 239 21.02 14.78 -1.16
N ASN B 240 20.72 14.74 0.13
CA ASN B 240 21.57 15.45 1.06
C ASN B 240 22.08 14.62 2.22
N GLU B 241 21.81 13.32 2.20
CA GLU B 241 22.45 12.29 3.11
C GLU B 241 22.53 11.01 2.27
N PHE B 242 23.47 10.17 2.61
CA PHE B 242 23.77 9.00 1.83
C PHE B 242 24.17 7.82 2.77
N VAL B 243 23.64 6.67 2.44
CA VAL B 243 24.03 5.43 3.09
C VAL B 243 24.32 4.44 2.01
N ASN B 244 25.43 3.73 2.13
CA ASN B 244 25.63 2.57 1.28
C ASN B 244 25.39 1.32 2.14
N PRO B 245 24.46 0.48 1.78
CA PRO B 245 24.20 -0.71 2.62
C PRO B 245 25.44 -1.59 2.91
N LYS B 246 26.42 -1.59 2.01
CA LYS B 246 27.62 -2.39 2.20
C LYS B 246 28.42 -1.93 3.40
N ASP B 247 28.15 -0.73 3.94
CA ASP B 247 28.93 -0.21 5.06
C ASP B 247 28.31 -0.63 6.40
N HIS B 248 27.34 -1.51 6.38
CA HIS B 248 26.55 -1.75 7.60
C HIS B 248 26.30 -3.25 7.73
N ASP B 249 26.43 -3.79 8.94
CA ASP B 249 26.08 -5.21 9.13
C ASP B 249 24.56 -5.45 9.18
N LYS B 250 23.82 -4.55 9.80
CA LYS B 250 22.37 -4.67 9.89
C LYS B 250 21.72 -4.45 8.54
N PRO B 251 20.53 -5.00 8.31
CA PRO B 251 19.86 -4.67 7.07
C PRO B 251 19.62 -3.18 6.95
N ILE B 252 19.61 -2.72 5.70
CA ILE B 252 19.51 -1.29 5.44
C ILE B 252 18.29 -0.62 6.05
N GLN B 253 17.17 -1.32 6.09
CA GLN B 253 15.95 -0.74 6.66
C GLN B 253 16.11 -0.40 8.12
N GLU B 254 16.81 -1.26 8.86
CA GLU B 254 17.11 -0.94 10.23
C GLU B 254 18.09 0.21 10.34
N VAL B 255 19.04 0.32 9.38
CA VAL B 255 19.98 1.45 9.43
C VAL B 255 19.20 2.77 9.26
N ILE B 256 18.20 2.74 8.36
CA ILE B 256 17.49 3.97 8.01
C ILE B 256 16.53 4.34 9.15
N VAL B 257 15.82 3.36 9.72
CA VAL B 257 15.02 3.61 10.94
C VAL B 257 15.88 4.28 12.04
N ASP B 258 17.04 3.70 12.31
CA ASP B 258 17.92 4.29 13.36
C ASP B 258 18.26 5.70 13.00
N LEU B 259 18.59 5.91 11.75
CA LEU B 259 19.06 7.24 11.28
C LEU B 259 17.99 8.35 11.40
N THR B 260 16.73 7.96 11.35
CA THR B 260 15.62 8.89 11.33
C THR B 260 14.73 8.76 12.52
N ASP B 261 15.18 8.06 13.58
CA ASP B 261 14.41 7.91 14.83
C ASP B 261 12.98 7.44 14.58
N GLY B 262 12.84 6.36 13.78
CA GLY B 262 11.55 5.71 13.55
C GLY B 262 11.26 5.37 12.10
N GLY B 263 11.90 6.06 11.16
CA GLY B 263 11.63 5.92 9.76
C GLY B 263 11.28 7.21 8.98
N VAL B 264 11.19 7.03 7.68
CA VAL B 264 10.92 8.12 6.83
C VAL B 264 9.42 8.23 6.62
N ASP B 265 9.02 9.39 6.20
CA ASP B 265 7.64 9.63 5.81
C ASP B 265 7.35 8.99 4.47
N TYR B 266 8.28 9.03 3.50
CA TYR B 266 8.09 8.39 2.22
C TYR B 266 9.37 7.68 1.79
N SER B 267 9.26 6.50 1.23
CA SER B 267 10.39 5.91 0.55
C SER B 267 10.05 5.52 -0.87
N PHE B 268 11.10 5.50 -1.72
CA PHE B 268 10.95 5.17 -3.12
C PHE B 268 11.96 4.11 -3.50
N GLU B 269 11.50 3.01 -4.10
CA GLU B 269 12.39 1.99 -4.63
C GLU B 269 12.62 2.24 -6.15
N CYS B 270 13.84 2.59 -6.49
CA CYS B 270 14.20 2.97 -7.92
C CYS B 270 15.20 2.03 -8.66
N ILE B 271 15.06 0.74 -8.45
CA ILE B 271 16.06 -0.26 -8.81
C ILE B 271 15.37 -1.37 -9.54
N GLY B 272 14.40 -1.99 -8.90
CA GLY B 272 13.75 -3.14 -9.50
C GLY B 272 14.04 -4.44 -8.76
N ASN B 273 14.47 -4.36 -7.53
CA ASN B 273 14.92 -5.50 -6.72
C ASN B 273 13.93 -5.74 -5.58
N VAL B 274 13.26 -6.89 -5.59
CA VAL B 274 12.18 -7.11 -4.68
C VAL B 274 12.62 -7.14 -3.25
N SER B 275 13.88 -7.46 -3.00
CA SER B 275 14.35 -7.46 -1.66
C SER B 275 14.53 -6.03 -1.13
N VAL B 276 14.99 -5.14 -2.00
CA VAL B 276 15.09 -3.72 -1.64
C VAL B 276 13.70 -3.06 -1.55
N MET B 277 12.73 -3.54 -2.33
CA MET B 277 11.38 -3.05 -2.25
C MET B 277 10.86 -3.32 -0.86
N ARG B 278 11.22 -4.48 -0.28
CA ARG B 278 10.82 -4.78 1.07
C ARG B 278 11.49 -3.85 2.07
N ALA B 279 12.79 -3.64 1.88
CA ALA B 279 13.48 -2.75 2.74
C ALA B 279 12.91 -1.31 2.70
N ALA B 280 12.53 -0.85 1.52
CA ALA B 280 11.96 0.47 1.42
C ALA B 280 10.67 0.58 2.21
N LEU B 281 9.82 -0.45 2.18
CA LEU B 281 8.60 -0.42 2.96
C LEU B 281 8.92 -0.37 4.49
N GLU B 282 9.88 -1.22 4.89
CA GLU B 282 10.16 -1.43 6.28
C GLU B 282 10.97 -0.33 6.93
N CYS B 283 11.54 0.59 6.15
CA CYS B 283 12.19 1.76 6.69
C CYS B 283 11.20 2.95 6.79
N CYS B 284 9.92 2.79 6.36
CA CYS B 284 8.85 3.82 6.58
C CYS B 284 8.44 3.94 8.06
N HIS B 285 8.07 5.15 8.47
CA HIS B 285 7.73 5.43 9.89
C HIS B 285 6.43 4.73 10.23
N LYS B 286 6.36 4.15 11.42
CA LYS B 286 5.11 3.66 11.93
C LYS B 286 4.03 4.72 11.76
N GLY B 287 2.80 4.30 11.51
CA GLY B 287 1.66 5.17 11.57
C GLY B 287 1.22 5.84 10.30
N TRP B 288 2.18 6.34 9.54
CA TRP B 288 1.82 7.08 8.29
C TRP B 288 2.78 6.92 7.16
N GLY B 289 3.91 6.25 7.38
CA GLY B 289 4.88 6.07 6.26
C GLY B 289 4.38 5.33 5.00
N THR B 290 4.75 5.86 3.83
CA THR B 290 4.36 5.29 2.55
C THR B 290 5.54 4.97 1.63
N SER B 291 5.47 3.82 0.96
CA SER B 291 6.54 3.38 0.10
C SER B 291 5.99 3.22 -1.28
N VAL B 292 6.73 3.79 -2.22
CA VAL B 292 6.37 3.72 -3.60
C VAL B 292 7.38 2.93 -4.41
N ILE B 293 6.89 1.89 -5.03
N ILE B 293 6.89 1.85 -4.99
CA ILE B 293 7.68 1.13 -5.95
CA ILE B 293 7.67 1.10 -5.96
C ILE B 293 7.70 1.88 -7.26
C ILE B 293 7.62 1.83 -7.28
N VAL B 294 8.84 2.41 -7.56
N VAL B 294 8.77 1.88 -7.90
CA VAL B 294 8.98 3.33 -8.65
CA VAL B 294 9.01 2.54 -9.17
C VAL B 294 9.53 2.48 -9.68
C VAL B 294 9.83 1.53 -9.95
N GLY B 295 8.73 2.45 -10.68
N GLY B 295 10.70 0.81 -9.22
CA GLY B 295 9.07 1.67 -11.77
CA GLY B 295 11.65 -0.08 -9.80
C GLY B 295 8.41 0.31 -12.05
C GLY B 295 10.98 -1.10 -10.65
N VAL B 296 8.10 0.01 -13.32
N VAL B 296 11.61 -1.50 -11.74
CA VAL B 296 7.93 -1.37 -13.80
CA VAL B 296 11.15 -2.62 -12.54
C VAL B 296 9.35 -1.74 -14.20
C VAL B 296 12.37 -3.42 -13.01
N ALA B 297 9.99 -2.75 -13.64
N ALA B 297 12.35 -4.72 -12.72
CA ALA B 297 9.50 -3.82 -12.78
CA ALA B 297 11.27 -5.35 -11.97
C ALA B 297 8.76 -4.85 -13.63
C ALA B 297 10.44 -6.28 -12.85
N ALA B 298 9.17 -6.12 -13.60
N ALA B 298 10.44 -7.61 -12.61
CA ALA B 298 10.44 -6.58 -13.00
CA ALA B 298 11.43 -8.39 -11.75
C ALA B 298 10.56 -8.09 -13.30
C ALA B 298 11.35 -9.89 -12.14
N SER B 299 9.48 -8.80 -12.99
N SER B 299 10.12 -10.31 -12.38
CA SER B 299 9.25 -10.19 -13.44
CA SER B 299 9.79 -11.21 -13.49
C SER B 299 9.27 -11.22 -12.31
C SER B 299 9.47 -12.61 -13.00
N GLY B 300 8.44 -12.26 -12.50
N GLY B 300 8.41 -12.67 -12.20
CA GLY B 300 8.34 -13.48 -11.64
CA GLY B 300 8.15 -13.82 -11.39
C GLY B 300 8.45 -13.35 -10.12
C GLY B 300 8.49 -13.49 -9.95
N GLN B 301 9.35 -12.48 -9.70
CA GLN B 301 9.70 -12.23 -8.34
C GLN B 301 8.59 -11.57 -7.51
N GLU B 302 8.47 -12.06 -6.29
CA GLU B 302 7.50 -11.62 -5.33
C GLU B 302 8.09 -10.63 -4.38
N ILE B 303 7.28 -9.64 -3.94
CA ILE B 303 7.66 -8.87 -2.78
C ILE B 303 6.96 -9.50 -1.55
N SER B 304 7.56 -9.37 -0.39
CA SER B 304 6.95 -9.82 0.88
C SER B 304 7.20 -8.88 2.04
N THR B 305 6.39 -9.01 3.06
CA THR B 305 6.71 -8.37 4.34
C THR B 305 5.75 -9.04 5.34
N ARG B 306 5.89 -8.66 6.59
CA ARG B 306 4.92 -9.10 7.61
C ARG B 306 3.77 -8.12 7.70
N PRO B 307 2.53 -8.62 7.67
CA PRO B 307 1.38 -7.76 7.58
C PRO B 307 1.28 -6.77 8.75
N PHE B 308 1.87 -7.11 9.90
CA PHE B 308 1.98 -6.12 10.93
C PHE B 308 2.50 -4.73 10.47
N GLN B 309 3.33 -4.71 9.41
CA GLN B 309 3.91 -3.43 8.93
C GLN B 309 2.83 -2.47 8.39
N LEU B 310 1.79 -3.02 7.80
CA LEU B 310 0.68 -2.33 7.25
C LEU B 310 -0.42 -2.10 8.33
N VAL B 311 -0.67 -3.10 9.18
CA VAL B 311 -1.56 -2.91 10.30
C VAL B 311 -1.14 -1.72 11.14
N THR B 312 0.17 -1.54 11.33
CA THR B 312 0.65 -0.42 12.05
C THR B 312 0.89 0.84 11.26
N GLY B 313 0.23 0.94 10.11
CA GLY B 313 0.08 2.23 9.47
C GLY B 313 0.92 2.49 8.25
N ARG B 314 1.82 1.59 7.86
CA ARG B 314 2.52 1.81 6.57
C ARG B 314 1.65 1.47 5.36
N VAL B 315 1.92 2.15 4.23
CA VAL B 315 1.13 1.99 3.05
C VAL B 315 2.01 1.60 1.84
N TRP B 316 1.60 0.62 1.03
CA TRP B 316 2.49 0.19 -0.06
C TRP B 316 1.84 0.49 -1.34
N LYS B 317 2.55 1.25 -2.15
CA LYS B 317 2.05 1.62 -3.44
C LYS B 317 3.11 1.48 -4.52
N GLY B 318 2.70 1.75 -5.75
CA GLY B 318 3.67 1.76 -6.88
C GLY B 318 3.14 2.66 -7.95
N THR B 319 3.98 2.89 -8.96
CA THR B 319 3.63 3.78 -10.05
C THR B 319 4.23 3.37 -11.38
N ALA B 320 3.41 3.58 -12.40
CA ALA B 320 3.81 3.56 -13.78
C ALA B 320 3.80 5.03 -14.38
N PHE B 321 4.92 5.37 -14.92
CA PHE B 321 5.12 6.64 -15.53
C PHE B 321 4.73 7.79 -14.64
N GLY B 322 4.89 7.62 -13.33
CA GLY B 322 4.76 8.71 -12.37
C GLY B 322 3.38 9.27 -12.29
N GLY B 323 2.38 8.49 -12.70
CA GLY B 323 1.04 9.02 -12.65
C GLY B 323 0.69 10.06 -13.70
N PHE B 324 1.64 10.36 -14.59
CA PHE B 324 1.40 11.32 -15.68
C PHE B 324 0.57 10.78 -16.88
N LYS B 325 -0.31 11.62 -17.41
CA LYS B 325 -1.06 11.32 -18.65
C LYS B 325 -0.19 11.80 -19.81
N SER B 326 0.23 10.88 -20.67
CA SER B 326 1.34 11.13 -21.58
C SER B 326 1.07 12.32 -22.50
N ARG B 327 -0.03 12.25 -23.22
CA ARG B 327 -0.32 13.25 -24.23
C ARG B 327 -0.55 14.68 -23.70
N THR B 328 -1.15 14.78 -22.53
CA THR B 328 -1.51 16.03 -21.92
C THR B 328 -0.34 16.56 -21.13
N GLN B 329 0.38 15.69 -20.42
CA GLN B 329 1.34 16.22 -19.49
C GLN B 329 2.81 16.21 -19.90
N VAL B 330 3.23 15.36 -20.86
CA VAL B 330 4.62 15.40 -21.32
C VAL B 330 4.87 16.78 -21.93
N PRO B 331 3.91 17.35 -22.66
CA PRO B 331 4.15 18.76 -23.17
C PRO B 331 4.23 19.73 -22.00
N TRP B 332 3.50 19.47 -20.89
CA TRP B 332 3.62 20.34 -19.70
C TRP B 332 5.03 20.23 -19.09
N LEU B 333 5.53 19.01 -19.02
CA LEU B 333 6.90 18.78 -18.51
C LEU B 333 7.94 19.48 -19.39
N VAL B 334 7.77 19.40 -20.69
CA VAL B 334 8.65 20.16 -21.62
C VAL B 334 8.56 21.68 -21.35
N GLU B 335 7.36 22.17 -21.10
CA GLU B 335 7.22 23.58 -20.67
C GLU B 335 8.01 23.94 -19.41
N LYS B 336 7.82 23.17 -18.34
CA LYS B 336 8.62 23.31 -17.12
C LYS B 336 10.12 23.26 -17.39
N TYR B 337 10.52 22.34 -18.27
CA TYR B 337 11.94 22.26 -18.66
C TYR B 337 12.34 23.55 -19.33
N MET B 338 11.49 24.04 -20.19
CA MET B 338 11.90 25.26 -20.95
C MET B 338 11.91 26.50 -20.07
N ASN B 339 11.14 26.45 -18.97
CA ASN B 339 11.10 27.53 -18.00
C ASN B 339 12.07 27.35 -16.83
N LYS B 340 12.97 26.37 -16.92
CA LYS B 340 14.00 26.11 -15.90
C LYS B 340 13.49 25.60 -14.59
N GLU B 341 12.33 24.99 -14.61
CA GLU B 341 11.71 24.45 -13.38
C GLU B 341 11.99 22.98 -13.10
N ILE B 342 12.36 22.21 -14.11
CA ILE B 342 12.88 20.90 -13.91
C ILE B 342 14.18 20.78 -14.68
N LYS B 343 15.04 19.91 -14.19
CA LYS B 343 16.23 19.52 -14.90
C LYS B 343 15.97 18.45 -15.93
N VAL B 344 16.67 18.52 -17.07
CA VAL B 344 16.83 17.37 -17.97
C VAL B 344 18.28 17.09 -18.38
N ASP B 345 18.98 18.16 -18.70
CA ASP B 345 20.32 18.05 -19.24
C ASP B 345 21.22 17.23 -18.34
N GLU B 346 21.06 17.38 -17.02
CA GLU B 346 21.93 16.72 -16.07
C GLU B 346 21.83 15.25 -15.97
N TYR B 347 20.85 14.59 -16.59
CA TYR B 347 20.73 13.16 -16.60
C TYR B 347 21.55 12.47 -17.68
N ILE B 348 22.12 13.26 -18.58
CA ILE B 348 22.73 12.73 -19.78
C ILE B 348 24.24 12.71 -19.55
N THR B 349 24.83 11.57 -19.62
CA THR B 349 26.25 11.55 -19.48
C THR B 349 27.01 11.23 -20.80
N HIS B 350 26.29 10.77 -21.81
CA HIS B 350 26.91 10.36 -23.06
C HIS B 350 26.08 10.84 -24.22
N ASN B 351 26.76 11.38 -25.25
CA ASN B 351 26.15 11.64 -26.51
C ASN B 351 26.83 10.81 -27.58
N LEU B 352 26.13 9.82 -28.11
CA LEU B 352 26.70 8.86 -29.05
C LEU B 352 25.87 8.88 -30.30
N THR B 353 26.13 7.99 -31.24
CA THR B 353 25.38 7.93 -32.46
C THR B 353 24.64 6.61 -32.45
N LEU B 354 23.67 6.52 -33.32
CA LEU B 354 22.98 5.28 -33.52
C LEU B 354 23.90 4.19 -33.96
N GLY B 355 24.96 4.55 -34.69
CA GLY B 355 26.00 3.58 -35.05
C GLY B 355 26.62 2.90 -33.86
N GLU B 356 26.65 3.56 -32.71
CA GLU B 356 27.29 3.10 -31.49
C GLU B 356 26.31 2.60 -30.45
N ILE B 357 25.21 2.07 -30.91
CA ILE B 357 24.18 1.64 -29.99
C ILE B 357 24.63 0.51 -29.04
N ASN B 358 25.44 -0.41 -29.56
CA ASN B 358 25.88 -1.51 -28.78
C ASN B 358 26.79 -1.06 -27.64
N LYS B 359 27.57 -0.03 -27.89
CA LYS B 359 28.36 0.65 -26.84
C LYS B 359 27.43 1.31 -25.80
N ALA B 360 26.32 1.88 -26.27
CA ALA B 360 25.39 2.49 -25.34
C ALA B 360 24.79 1.40 -24.45
N PHE B 361 24.43 0.25 -25.02
CA PHE B 361 24.04 -0.90 -24.20
C PHE B 361 25.01 -1.26 -23.08
N ASP B 362 26.28 -1.38 -23.41
CA ASP B 362 27.32 -1.66 -22.42
C ASP B 362 27.32 -0.60 -21.32
N LEU B 363 27.12 0.66 -21.66
CA LEU B 363 27.10 1.73 -20.68
C LEU B 363 25.94 1.61 -19.71
N LEU B 364 24.93 0.82 -20.01
CA LEU B 364 23.84 0.66 -19.03
C LEU B 364 24.40 0.16 -17.73
N HIS B 365 25.58 -0.50 -17.78
CA HIS B 365 26.19 -1.14 -16.57
C HIS B 365 27.41 -0.45 -16.01
N GLU B 366 27.72 0.71 -16.54
CA GLU B 366 28.85 1.50 -16.11
C GLU B 366 28.38 2.38 -14.99
N GLY B 367 29.11 2.35 -13.88
CA GLY B 367 28.67 3.01 -12.66
C GLY B 367 28.54 4.51 -12.72
N THR B 368 29.41 5.14 -13.48
CA THR B 368 29.42 6.61 -13.53
C THR B 368 28.42 7.11 -14.62
N ALA B 369 27.78 6.17 -15.30
CA ALA B 369 26.91 6.47 -16.42
C ALA B 369 25.44 6.67 -16.04
N LEU B 370 24.85 7.72 -16.62
CA LEU B 370 23.40 7.86 -16.59
C LEU B 370 22.83 7.63 -17.99
N ARG B 371 22.05 8.57 -18.56
CA ARG B 371 21.41 8.29 -19.77
C ARG B 371 22.45 8.58 -20.92
N ALA B 372 22.34 7.80 -21.98
CA ALA B 372 23.00 8.07 -23.25
C ALA B 372 21.95 8.47 -24.26
N VAL B 373 22.26 9.52 -25.00
CA VAL B 373 21.36 9.99 -26.03
C VAL B 373 22.05 9.76 -27.43
N LEU B 374 21.35 9.08 -28.33
CA LEU B 374 21.85 8.71 -29.66
C LEU B 374 21.28 9.57 -30.79
N ASP B 375 22.22 10.20 -31.51
CA ASP B 375 21.93 11.00 -32.70
C ASP B 375 21.76 9.98 -33.82
N THR B 376 20.54 9.95 -34.37
CA THR B 376 20.19 8.97 -35.37
C THR B 376 20.74 9.20 -36.80
N SER B 377 21.28 10.36 -37.06
CA SER B 377 21.80 10.64 -38.39
C SER B 377 23.17 10.02 -38.64
N LYS B 378 23.76 9.31 -37.68
CA LYS B 378 25.07 8.65 -37.86
C LYS B 378 25.08 7.29 -37.14
ZN ZN C . 0.08 9.20 22.71
ZN ZN D . -11.50 -8.25 20.85
PA NAD E . -14.29 -14.63 13.67
O1A NAD E . -13.54 -15.84 14.12
O2A NAD E . -15.64 -14.30 14.27
O5B NAD E . -14.51 -14.61 12.11
C5B NAD E . -13.51 -15.16 11.23
C4B NAD E . -14.27 -15.58 9.98
O4B NAD E . -13.37 -15.92 8.96
C3B NAD E . -15.19 -16.80 10.14
O3B NAD E . -16.43 -16.40 9.55
C2B NAD E . -14.55 -17.95 9.33
O2B NAD E . -15.49 -18.79 8.61
C1B NAD E . -13.86 -17.06 8.26
N9A NAD E . -12.73 -17.69 7.58
C8A NAD E . -11.76 -18.44 8.13
N7A NAD E . -10.90 -18.80 7.20
C5A NAD E . -11.32 -18.26 6.04
C6A NAD E . -10.86 -18.26 4.69
N6A NAD E . -9.76 -18.96 4.44
N1A NAD E . -11.52 -17.58 3.73
C2A NAD E . -12.65 -16.91 4.02
N3A NAD E . -13.13 -16.87 5.29
C4A NAD E . -12.52 -17.51 6.30
O3 NAD E . -13.21 -13.55 14.02
PN NAD E . -13.51 -11.99 14.44
O1N NAD E . -13.74 -11.80 15.93
O2N NAD E . -14.44 -11.52 13.35
O5D NAD E . -11.97 -11.59 14.22
C5D NAD E . -11.44 -11.48 12.86
C4D NAD E . -9.98 -10.98 12.73
O4D NAD E . -9.85 -9.54 12.98
C3D NAD E . -9.00 -11.64 13.69
O3D NAD E . -7.72 -11.78 13.11
C2D NAD E . -8.71 -10.59 14.71
O2D NAD E . -7.40 -10.75 15.24
C1D NAD E . -8.78 -9.30 13.90
N1N NAD E . -8.95 -8.08 14.71
C2N NAD E . -8.21 -7.04 14.34
C3N NAD E . -8.22 -5.82 14.99
C7N NAD E . -7.33 -4.70 14.47
O7N NAD E . -7.20 -3.72 15.21
N7N NAD E . -6.69 -4.73 13.28
C4N NAD E . -9.10 -5.65 16.07
C5N NAD E . -9.94 -6.75 16.42
C6N NAD E . -9.81 -7.97 15.79
P PO4 F . -3.63 6.53 0.15
O1 PO4 F . -4.16 5.53 -0.93
O2 PO4 F . -3.25 7.79 -0.56
O3 PO4 F . -2.42 6.16 0.96
O4 PO4 F . -4.71 6.86 1.12
P PO4 G . 0.93 -17.05 -0.68
O1 PO4 G . 1.78 -18.28 -0.96
O2 PO4 G . 0.78 -16.89 0.80
O3 PO4 G . -0.43 -17.23 -1.39
O4 PO4 G . 1.62 -15.81 -1.19
P PO4 H . -14.06 -22.26 -11.20
O1 PO4 H . -14.19 -22.79 -12.60
O2 PO4 H . -14.97 -23.09 -10.33
O3 PO4 H . -14.39 -20.78 -11.17
O4 PO4 H . -12.63 -22.48 -10.74
ZN ZN I . -7.52 5.25 -22.95
ZN ZN J . 13.09 4.01 -20.52
PA NAD K . 20.07 2.84 -13.22
O1A NAD K . 20.75 1.54 -13.45
O2A NAD K . 20.66 4.13 -13.78
O5B NAD K . 20.10 2.87 -11.64
C5B NAD K . 19.89 1.77 -10.76
C4B NAD K . 20.69 2.13 -9.52
O4B NAD K . 20.39 1.26 -8.41
C3B NAD K . 22.20 2.08 -9.77
O3B NAD K . 22.64 3.37 -9.35
C2B NAD K . 22.74 0.94 -8.88
O2B NAD K . 23.97 1.26 -8.28
C1B NAD K . 21.65 1.03 -7.77
N9A NAD K . 21.48 -0.21 -7.07
C8A NAD K . 21.50 -1.42 -7.62
N7A NAD K . 21.25 -2.38 -6.69
C5A NAD K . 21.11 -1.73 -5.51
C6A NAD K . 20.82 -2.09 -4.11
N6A NAD K . 20.73 -3.37 -3.87
N1A NAD K . 20.75 -1.16 -3.11
C2A NAD K . 20.86 0.14 -3.43
N3A NAD K . 21.08 0.56 -4.68
C4A NAD K . 21.23 -0.29 -5.76
O3 NAD K . 18.56 2.52 -13.66
PN NAD K . 17.46 3.64 -14.03
O1N NAD K . 17.56 4.01 -15.45
O2N NAD K . 17.39 4.63 -12.95
O5D NAD K . 16.18 2.75 -14.12
C5D NAD K . 15.61 2.48 -12.82
C4D NAD K . 14.39 1.58 -12.59
O4D NAD K . 13.08 2.16 -12.66
C3D NAD K . 14.45 0.42 -13.54
O3D NAD K . 13.94 -0.70 -12.83
C2D NAD K . 13.43 0.60 -14.55
O2D NAD K . 13.16 -0.78 -14.82
C1D NAD K . 12.38 1.45 -13.75
N1N NAD K . 11.53 2.42 -14.58
C2N NAD K . 10.21 2.39 -14.39
C3N NAD K . 9.25 3.20 -15.04
C7N NAD K . 7.78 3.07 -14.62
O7N NAD K . 7.54 2.73 -13.45
N7N NAD K . 6.72 3.41 -15.35
C4N NAD K . 9.74 4.15 -15.97
C5N NAD K . 11.14 4.21 -16.15
C6N NAD K . 12.01 3.32 -15.47
P PO4 L . 13.15 -10.84 1.31
O1 PO4 L . 13.82 -11.77 0.32
O2 PO4 L . 13.05 -11.47 2.68
O3 PO4 L . 11.77 -10.58 0.79
O4 PO4 L . 13.97 -9.57 1.48
P PO4 M . 25.76 -1.88 11.64
O1 PO4 M . 27.12 -2.10 10.98
O2 PO4 M . 24.82 -2.86 10.99
O3 PO4 M . 25.23 -0.45 11.54
O4 PO4 M . 25.89 -2.22 13.11
S SO4 N . 6.80 -7.75 -11.63
O1 SO4 N . 6.68 -6.60 -12.62
O2 SO4 N . 7.01 -9.01 -12.43
O3 SO4 N . 5.66 -8.09 -10.77
O4 SO4 N . 7.92 -7.45 -10.65
#